data_7RIT
#
_entry.id   7RIT
#
_cell.length_a   1.00
_cell.length_b   1.00
_cell.length_c   1.00
_cell.angle_alpha   90.00
_cell.angle_beta   90.00
_cell.angle_gamma   90.00
#
_symmetry.space_group_name_H-M   'P 1'
#
_entity_poly.entity_id   1
_entity_poly.type   'polypeptide(L)'
_entity_poly.pdbx_seq_one_letter_code
;MGSSHHHHHHSSGLVPRGSHMMHHHHHHHHGGVNQDFKVYLRLISYLKPYWGVALLVLIGFGMNSATEVSVAKLIKFIID
AIQNASRADLDWFPLLIILLVFFRGLGLFMGGYYTAVISRSLVFSIRQEVYAKLLRLPAQYYLDNSSGHITAKIMYNVEQ
LTAASSESLKTIVRDGMITLGLLGYLFYTNWRLTICIMVFLPIIGILVRKASKRMRKLSMQVQDTMGDVNHVVQESINGN
AVVKSFAGEESEQERFYKSSEENLKRGLKMVIVQNLNSPVVQVVMACAMALIVWLALRPQILGNTTAGEFVAYITAAGLL
SKPVKNLTDVNEKLQRGLAAAHSVFELLDLPEEQNSGELKPQLQGAIRFDHVVLNYADGTQAIKDFSLDIRPGETVALVG
RSGAGKTSLVNMLVRFQEVSSGQIYLDDLPIRDIELSSLRTQIAMVNQQVVLFNRTVRENIAYGQLHNASDEDVIAAAKA
AYAHDFIMNLPNGYDTVLGAQGLNLSGGQRQRIAIARAILKNAPILILDEATSALDNESEHFIQQAFDEAMQDRTTIVIA
HRLSTIENADRIVVMDRGQIVEQGTHQELLAKHGAYYQLHQRNFEDH
;
_entity_poly.pdbx_strand_id   A,B
#
# COMPACT_ATOMS: atom_id res chain seq x y z
N ASP A 36 -21.24 -12.01 21.82
CA ASP A 36 -20.15 -11.32 21.14
C ASP A 36 -18.85 -12.10 21.27
N PHE A 37 -18.46 -12.38 22.52
CA PHE A 37 -17.23 -13.09 22.82
C PHE A 37 -17.46 -14.57 23.10
N LYS A 38 -18.43 -15.20 22.41
CA LYS A 38 -18.69 -16.62 22.61
C LYS A 38 -17.50 -17.47 22.19
N VAL A 39 -16.98 -17.23 20.98
CA VAL A 39 -15.83 -17.98 20.50
C VAL A 39 -14.60 -17.66 21.34
N TYR A 40 -14.47 -16.41 21.80
CA TYR A 40 -13.37 -16.07 22.69
C TYR A 40 -13.47 -16.85 23.99
N LEU A 41 -14.68 -16.98 24.55
CA LEU A 41 -14.86 -17.76 25.76
C LEU A 41 -14.56 -19.23 25.51
N ARG A 42 -14.92 -19.73 24.32
CA ARG A 42 -14.62 -21.11 23.98
C ARG A 42 -13.11 -21.35 23.94
N LEU A 43 -12.39 -20.43 23.30
CA LEU A 43 -10.94 -20.54 23.27
C LEU A 43 -10.34 -20.42 24.67
N ILE A 44 -10.93 -19.57 25.51
CA ILE A 44 -10.45 -19.43 26.89
C ILE A 44 -10.68 -20.73 27.66
N SER A 45 -11.83 -21.37 27.44
CA SER A 45 -12.10 -22.65 28.07
C SER A 45 -11.10 -23.71 27.59
N TYR A 46 -10.76 -23.68 26.31
CA TYR A 46 -9.74 -24.58 25.80
C TYR A 46 -8.39 -24.32 26.45
N LEU A 47 -8.00 -23.06 26.58
CA LEU A 47 -6.73 -22.67 27.20
C LEU A 47 -6.84 -22.66 28.71
N LYS A 48 -7.95 -23.14 29.25
CA LYS A 48 -7.99 -23.46 30.67
C LYS A 48 -7.00 -24.58 30.89
N PRO A 49 -6.73 -25.41 29.88
CA PRO A 49 -5.53 -26.26 29.93
C PRO A 49 -4.25 -25.46 30.03
N TYR A 50 -4.22 -24.25 29.46
CA TYR A 50 -3.12 -23.31 29.64
C TYR A 50 -3.40 -22.35 30.79
N TRP A 51 -4.11 -22.83 31.81
CA TRP A 51 -4.38 -22.01 32.98
C TRP A 51 -3.07 -21.57 33.64
N GLY A 52 -2.09 -22.45 33.67
CA GLY A 52 -0.79 -22.10 34.19
C GLY A 52 -0.14 -20.98 33.40
N VAL A 53 -0.22 -21.07 32.08
CA VAL A 53 0.33 -20.03 31.22
C VAL A 53 -0.38 -18.70 31.50
N ALA A 54 -1.71 -18.74 31.61
CA ALA A 54 -2.48 -17.53 31.86
C ALA A 54 -2.11 -16.92 33.20
N LEU A 55 -1.96 -17.76 34.22
CA LEU A 55 -1.59 -17.28 35.54
C LEU A 55 -0.20 -16.65 35.51
N LEU A 56 0.72 -17.28 34.79
CA LEU A 56 2.06 -16.71 34.65
C LEU A 56 1.99 -15.34 33.97
N VAL A 57 1.16 -15.23 32.93
CA VAL A 57 1.03 -13.97 32.22
C VAL A 57 0.47 -12.89 33.14
N LEU A 58 -0.56 -13.23 33.90
CA LEU A 58 -1.15 -12.27 34.84
C LEU A 58 -0.13 -11.88 35.90
N ILE A 59 0.64 -12.86 36.39
CA ILE A 59 1.68 -12.57 37.37
C ILE A 59 2.70 -11.61 36.80
N GLY A 60 3.10 -11.82 35.54
CA GLY A 60 4.07 -10.93 34.93
C GLY A 60 3.54 -9.52 34.75
N PHE A 61 2.30 -9.39 34.27
CA PHE A 61 1.72 -8.06 34.14
C PHE A 61 1.62 -7.36 35.48
N GLY A 62 1.19 -8.09 36.52
CA GLY A 62 1.13 -7.51 37.84
C GLY A 62 2.50 -7.13 38.37
N MET A 63 3.52 -7.94 38.06
CA MET A 63 4.87 -7.60 38.47
C MET A 63 5.35 -6.33 37.78
N ASN A 64 5.01 -6.17 36.50
CA ASN A 64 5.37 -4.94 35.80
C ASN A 64 4.70 -3.74 36.44
N SER A 65 3.42 -3.86 36.78
CA SER A 65 2.72 -2.77 37.46
C SER A 65 3.33 -2.49 38.82
N ALA A 66 3.68 -3.53 39.56
CA ALA A 66 4.30 -3.35 40.86
C ALA A 66 5.65 -2.65 40.72
N THR A 67 6.40 -2.99 39.67
CA THR A 67 7.66 -2.30 39.41
C THR A 67 7.42 -0.83 39.09
N GLU A 68 6.40 -0.53 38.29
CA GLU A 68 6.09 0.85 37.99
C GLU A 68 5.74 1.62 39.26
N VAL A 69 4.98 1.00 40.16
CA VAL A 69 4.67 1.63 41.44
C VAL A 69 5.94 1.83 42.24
N SER A 70 6.78 0.80 42.30
CA SER A 70 8.03 0.87 43.05
C SER A 70 8.92 1.97 42.50
N VAL A 71 8.75 2.34 41.24
CA VAL A 71 9.51 3.47 40.70
C VAL A 71 9.29 4.70 41.56
N ALA A 72 8.04 5.15 41.67
CA ALA A 72 7.74 6.31 42.49
C ALA A 72 8.04 6.02 43.96
N LYS A 73 7.83 4.77 44.39
CA LYS A 73 8.10 4.41 45.77
C LYS A 73 9.55 4.72 46.13
N LEU A 74 10.49 4.09 45.44
CA LEU A 74 11.91 4.32 45.66
C LEU A 74 12.28 5.77 45.40
N ILE A 75 11.58 6.41 44.45
CA ILE A 75 11.82 7.83 44.20
C ILE A 75 11.58 8.62 45.47
N LYS A 76 10.55 8.26 46.23
CA LYS A 76 10.34 8.89 47.53
C LYS A 76 11.52 8.65 48.46
N PHE A 77 12.11 7.45 48.38
CA PHE A 77 13.25 7.13 49.24
C PHE A 77 14.46 7.99 48.91
N ILE A 78 14.52 8.51 47.69
CA ILE A 78 15.68 9.30 47.27
C ILE A 78 15.83 10.53 48.16
N ILE A 79 14.72 11.23 48.41
CA ILE A 79 14.78 12.44 49.24
C ILE A 79 15.21 12.10 50.65
N ASP A 80 14.90 10.88 51.11
CA ASP A 80 15.25 10.45 52.45
C ASP A 80 16.75 10.53 52.65
N ALA A 81 17.52 10.22 51.60
CA ALA A 81 18.96 10.39 51.67
C ALA A 81 19.32 11.82 52.07
N ILE A 82 18.59 12.79 51.54
CA ILE A 82 18.82 14.16 51.96
C ILE A 82 17.93 14.41 53.17
N GLN A 83 18.37 13.91 54.31
CA GLN A 83 17.82 14.26 55.61
C GLN A 83 18.90 13.95 56.65
N ASN A 84 19.66 14.97 57.07
CA ASN A 84 20.90 14.82 57.82
C ASN A 84 21.56 13.46 57.62
N ALA A 85 21.65 12.68 58.69
CA ALA A 85 22.28 11.36 58.63
C ALA A 85 21.36 10.34 57.98
N SER A 86 21.66 9.95 56.73
CA SER A 86 20.92 8.90 56.04
C SER A 86 21.89 8.03 55.26
N ARG A 87 23.19 8.28 55.43
CA ARG A 87 24.26 7.78 54.57
C ARG A 87 24.15 6.30 54.23
N ALA A 88 23.54 5.51 55.13
CA ALA A 88 23.48 4.07 54.93
C ALA A 88 22.79 3.72 53.62
N ASP A 89 21.62 4.32 53.36
CA ASP A 89 20.87 4.02 52.15
C ASP A 89 21.46 4.67 50.91
N LEU A 90 22.36 5.66 51.09
CA LEU A 90 22.86 6.42 49.95
C LEU A 90 23.60 5.53 48.96
N ASP A 91 24.46 4.66 49.46
CA ASP A 91 25.23 3.76 48.60
C ASP A 91 24.32 2.79 47.87
N TRP A 92 23.41 2.15 48.61
CA TRP A 92 22.54 1.15 48.01
C TRP A 92 21.60 1.78 46.98
N PHE A 93 21.28 3.08 47.14
CA PHE A 93 20.38 3.78 46.25
C PHE A 93 20.76 3.55 44.80
N PRO A 94 22.05 3.69 44.47
CA PRO A 94 22.49 3.30 43.13
C PRO A 94 22.12 1.87 42.81
N LEU A 95 22.57 0.94 43.66
CA LEU A 95 22.23 -0.46 43.47
C LEU A 95 20.73 -0.66 43.54
N LEU A 96 20.04 0.16 44.32
CA LEU A 96 18.59 0.06 44.41
C LEU A 96 17.95 0.31 43.05
N ILE A 97 18.30 1.43 42.42
CA ILE A 97 17.73 1.76 41.12
C ILE A 97 18.15 0.71 40.09
N ILE A 98 19.40 0.25 40.20
CA ILE A 98 19.90 -0.73 39.24
C ILE A 98 19.10 -2.02 39.31
N LEU A 99 19.06 -2.63 40.49
CA LEU A 99 18.33 -3.88 40.64
C LEU A 99 16.84 -3.69 40.40
N LEU A 100 16.31 -2.50 40.67
CA LEU A 100 14.90 -2.23 40.38
C LEU A 100 14.65 -2.30 38.88
N VAL A 101 15.49 -1.60 38.11
CA VAL A 101 15.36 -1.67 36.65
C VAL A 101 15.53 -3.09 36.17
N PHE A 102 16.45 -3.83 36.79
CA PHE A 102 16.67 -5.22 36.41
C PHE A 102 15.42 -6.05 36.63
N PHE A 103 14.82 -5.92 37.81
CA PHE A 103 13.61 -6.68 38.10
C PHE A 103 12.46 -6.29 37.18
N ARG A 104 12.35 -4.99 36.90
CA ARG A 104 11.30 -4.53 36.01
C ARG A 104 11.47 -5.12 34.62
N GLY A 105 12.70 -5.12 34.11
CA GLY A 105 12.96 -5.73 32.83
C GLY A 105 12.66 -7.22 32.83
N LEU A 106 13.05 -7.91 33.91
CA LEU A 106 12.79 -9.34 33.99
C LEU A 106 11.29 -9.61 33.93
N GLY A 107 10.51 -8.89 34.74
CA GLY A 107 9.08 -9.10 34.76
C GLY A 107 8.44 -8.77 33.43
N LEU A 108 8.81 -7.63 32.84
CA LEU A 108 8.24 -7.26 31.55
C LEU A 108 8.58 -8.29 30.49
N PHE A 109 9.82 -8.76 30.49
CA PHE A 109 10.24 -9.77 29.52
C PHE A 109 9.41 -11.04 29.68
N MET A 110 9.29 -11.53 30.91
CA MET A 110 8.53 -12.75 31.13
C MET A 110 7.08 -12.59 30.74
N GLY A 111 6.49 -11.45 31.08
CA GLY A 111 5.10 -11.21 30.74
C GLY A 111 4.87 -11.16 29.24
N GLY A 112 5.67 -10.36 28.54
CA GLY A 112 5.54 -10.32 27.10
C GLY A 112 5.76 -11.67 26.47
N TYR A 113 6.75 -12.42 26.96
CA TYR A 113 7.04 -13.74 26.42
C TYR A 113 5.85 -14.68 26.56
N TYR A 114 5.41 -14.91 27.79
CA TYR A 114 4.30 -15.83 28.00
C TYR A 114 3.04 -15.33 27.31
N THR A 115 2.85 -14.02 27.25
CA THR A 115 1.66 -13.47 26.60
C THR A 115 1.67 -13.79 25.12
N ALA A 116 2.78 -13.51 24.44
CA ALA A 116 2.86 -13.84 23.02
C ALA A 116 2.77 -15.34 22.81
N VAL A 117 3.29 -16.13 23.76
CA VAL A 117 3.16 -17.57 23.67
C VAL A 117 1.70 -17.96 23.68
N ILE A 118 0.94 -17.39 24.62
CA ILE A 118 -0.49 -17.68 24.70
C ILE A 118 -1.18 -17.23 23.43
N SER A 119 -0.78 -16.07 22.90
CA SER A 119 -1.38 -15.57 21.67
C SER A 119 -1.16 -16.55 20.53
N ARG A 120 0.08 -17.01 20.36
CA ARG A 120 0.38 -17.96 19.30
C ARG A 120 -0.39 -19.26 19.51
N SER A 121 -0.48 -19.72 20.76
CA SER A 121 -1.23 -20.94 21.03
C SER A 121 -2.70 -20.76 20.67
N LEU A 122 -3.26 -19.60 20.97
CA LEU A 122 -4.64 -19.31 20.60
C LEU A 122 -4.80 -19.28 19.09
N VAL A 123 -3.84 -18.67 18.39
CA VAL A 123 -3.88 -18.66 16.94
C VAL A 123 -3.88 -20.07 16.40
N PHE A 124 -3.03 -20.93 16.95
CA PHE A 124 -2.95 -22.31 16.49
C PHE A 124 -4.24 -23.06 16.74
N SER A 125 -4.80 -22.94 17.94
CA SER A 125 -6.03 -23.64 18.26
C SER A 125 -7.19 -23.15 17.40
N ILE A 126 -7.29 -21.84 17.22
CA ILE A 126 -8.32 -21.27 16.37
C ILE A 126 -8.16 -21.79 14.95
N ARG A 127 -6.92 -21.83 14.46
CA ARG A 127 -6.69 -22.34 13.11
C ARG A 127 -7.09 -23.80 13.01
N GLN A 128 -6.79 -24.59 14.04
CA GLN A 128 -7.14 -26.01 14.01
C GLN A 128 -8.65 -26.19 13.95
N GLU A 129 -9.38 -25.47 14.79
CA GLU A 129 -10.83 -25.55 14.76
C GLU A 129 -11.37 -25.05 13.42
N VAL A 130 -10.74 -24.01 12.87
CA VAL A 130 -11.17 -23.44 11.59
C VAL A 130 -11.01 -24.47 10.49
N TYR A 131 -9.87 -25.16 10.48
CA TYR A 131 -9.67 -26.22 9.50
C TYR A 131 -10.69 -27.33 9.68
N ALA A 132 -10.93 -27.73 10.93
CA ALA A 132 -11.91 -28.78 11.19
C ALA A 132 -13.27 -28.40 10.61
N LYS A 133 -13.70 -27.16 10.83
CA LYS A 133 -14.94 -26.69 10.22
C LYS A 133 -14.83 -26.68 8.70
N LEU A 134 -13.69 -26.25 8.18
CA LEU A 134 -13.47 -26.27 6.75
C LEU A 134 -13.55 -27.69 6.20
N LEU A 135 -13.05 -28.65 6.96
CA LEU A 135 -13.30 -30.04 6.63
C LEU A 135 -14.79 -30.33 6.75
N ARG A 136 -15.30 -31.14 5.82
CA ARG A 136 -16.72 -31.49 5.78
C ARG A 136 -17.61 -30.24 5.67
N LEU A 137 -17.16 -29.27 4.89
CA LEU A 137 -17.89 -28.02 4.73
C LEU A 137 -18.96 -28.16 3.65
N PRO A 138 -19.73 -27.10 3.40
CA PRO A 138 -20.79 -27.16 2.39
C PRO A 138 -20.31 -26.72 1.02
N ALA A 139 -21.08 -27.14 0.00
CA ALA A 139 -20.74 -26.81 -1.37
C ALA A 139 -20.72 -25.31 -1.61
N GLN A 140 -21.73 -24.60 -1.10
CA GLN A 140 -21.87 -23.18 -1.37
C GLN A 140 -20.70 -22.37 -0.85
N TYR A 141 -19.82 -22.96 -0.05
CA TYR A 141 -18.62 -22.25 0.36
C TYR A 141 -17.81 -21.79 -0.84
N TYR A 142 -17.31 -22.75 -1.62
CA TYR A 142 -16.55 -22.43 -2.83
C TYR A 142 -17.44 -22.25 -4.05
N LEU A 143 -18.52 -23.04 -4.14
CA LEU A 143 -19.40 -22.94 -5.29
C LEU A 143 -20.03 -21.56 -5.40
N ASP A 144 -20.47 -21.00 -4.28
CA ASP A 144 -21.11 -19.69 -4.31
C ASP A 144 -20.12 -18.56 -4.12
N ASN A 145 -19.18 -18.70 -3.20
CA ASN A 145 -18.27 -17.62 -2.84
C ASN A 145 -16.82 -18.05 -3.05
N SER A 146 -15.93 -17.06 -3.02
CA SER A 146 -14.49 -17.29 -3.08
C SER A 146 -14.01 -17.68 -1.69
N SER A 147 -14.45 -18.87 -1.25
CA SER A 147 -14.20 -19.27 0.12
C SER A 147 -12.72 -19.52 0.38
N GLY A 148 -12.07 -20.29 -0.47
CA GLY A 148 -10.75 -20.80 -0.11
C GLY A 148 -9.70 -19.74 0.17
N HIS A 149 -9.22 -19.06 -0.87
CA HIS A 149 -8.12 -18.11 -0.66
C HIS A 149 -8.58 -16.90 0.15
N ILE A 150 -9.72 -16.31 -0.24
CA ILE A 150 -10.17 -15.09 0.41
C ILE A 150 -10.51 -15.35 1.87
N THR A 151 -11.28 -16.41 2.13
CA THR A 151 -11.66 -16.72 3.50
C THR A 151 -10.47 -17.17 4.33
N ALA A 152 -9.49 -17.84 3.73
CA ALA A 152 -8.30 -18.21 4.48
C ALA A 152 -7.51 -16.97 4.88
N LYS A 153 -7.35 -16.03 3.93
CA LYS A 153 -6.66 -14.79 4.27
C LYS A 153 -7.43 -13.98 5.30
N ILE A 154 -8.76 -14.03 5.22
CA ILE A 154 -9.59 -13.37 6.24
C ILE A 154 -9.38 -14.03 7.58
N MET A 155 -9.32 -15.36 7.60
CA MET A 155 -9.06 -16.08 8.84
C MET A 155 -7.72 -15.69 9.43
N TYR A 156 -6.71 -15.57 8.59
CA TYR A 156 -5.38 -15.20 9.09
C TYR A 156 -5.35 -13.76 9.58
N ASN A 157 -5.94 -12.85 8.81
CA ASN A 157 -6.01 -11.46 9.23
C ASN A 157 -6.74 -11.35 10.56
N VAL A 158 -7.85 -12.06 10.70
CA VAL A 158 -8.61 -12.05 11.94
C VAL A 158 -7.81 -12.70 13.06
N GLU A 159 -7.03 -13.72 12.74
CA GLU A 159 -6.19 -14.35 13.76
C GLU A 159 -5.19 -13.36 14.30
N GLN A 160 -4.45 -12.70 13.42
CA GLN A 160 -3.51 -11.69 13.86
C GLN A 160 -4.21 -10.57 14.59
N LEU A 161 -5.41 -10.20 14.12
CA LEU A 161 -6.16 -9.14 14.75
C LEU A 161 -6.54 -9.50 16.17
N THR A 162 -7.17 -10.67 16.36
CA THR A 162 -7.54 -11.12 17.69
C THR A 162 -6.31 -11.34 18.56
N ALA A 163 -5.18 -11.69 17.96
CA ALA A 163 -3.94 -11.78 18.73
C ALA A 163 -3.54 -10.43 19.27
N ALA A 164 -3.48 -9.43 18.39
CA ALA A 164 -3.17 -8.08 18.83
C ALA A 164 -4.25 -7.57 19.80
N SER A 165 -5.47 -8.07 19.66
CA SER A 165 -6.54 -7.68 20.56
C SER A 165 -6.30 -8.23 21.95
N SER A 166 -5.96 -9.51 22.05
CA SER A 166 -5.55 -10.06 23.33
C SER A 166 -4.33 -9.32 23.87
N GLU A 167 -3.44 -8.88 22.98
CA GLU A 167 -2.27 -8.14 23.43
C GLU A 167 -2.65 -6.80 24.04
N SER A 168 -3.52 -6.06 23.36
CA SER A 168 -4.02 -4.82 23.92
C SER A 168 -4.81 -5.09 25.19
N LEU A 169 -5.47 -6.25 25.26
CA LEU A 169 -6.14 -6.63 26.49
C LEU A 169 -5.13 -6.81 27.62
N LYS A 170 -3.99 -7.42 27.31
CA LYS A 170 -2.94 -7.57 28.30
C LYS A 170 -2.40 -6.20 28.72
N THR A 171 -2.24 -5.30 27.75
CA THR A 171 -1.83 -3.94 28.09
C THR A 171 -2.87 -3.27 28.97
N ILE A 172 -4.15 -3.55 28.70
CA ILE A 172 -5.23 -3.04 29.52
C ILE A 172 -5.16 -3.61 30.94
N VAL A 173 -4.79 -4.89 31.04
CA VAL A 173 -4.61 -5.49 32.35
C VAL A 173 -3.45 -4.82 33.09
N ARG A 174 -2.37 -4.54 32.37
CA ARG A 174 -1.26 -3.80 32.95
C ARG A 174 -1.72 -2.44 33.46
N ASP A 175 -2.49 -1.73 32.63
CA ASP A 175 -2.98 -0.41 33.02
C ASP A 175 -3.94 -0.51 34.21
N GLY A 176 -4.77 -1.55 34.23
CA GLY A 176 -5.68 -1.72 35.35
C GLY A 176 -4.96 -2.02 36.64
N MET A 177 -3.97 -2.90 36.58
CA MET A 177 -3.13 -3.14 37.75
C MET A 177 -2.41 -1.86 38.16
N ILE A 178 -2.02 -1.05 37.19
CA ILE A 178 -1.37 0.22 37.49
C ILE A 178 -2.32 1.16 38.21
N THR A 179 -3.57 1.22 37.74
CA THR A 179 -4.58 2.03 38.41
C THR A 179 -4.84 1.50 39.81
N LEU A 180 -4.83 0.18 39.95
CA LEU A 180 -4.98 -0.44 41.27
C LEU A 180 -3.85 0.03 42.20
N GLY A 181 -2.63 0.02 41.69
CA GLY A 181 -1.51 0.48 42.50
C GLY A 181 -1.62 1.95 42.84
N LEU A 182 -2.07 2.76 41.89
CA LEU A 182 -2.26 4.18 42.15
C LEU A 182 -3.28 4.39 43.25
N LEU A 183 -4.41 3.70 43.16
CA LEU A 183 -5.45 3.83 44.18
C LEU A 183 -4.95 3.30 45.53
N GLY A 184 -4.15 2.25 45.51
CA GLY A 184 -3.60 1.70 46.74
C GLY A 184 -2.66 2.66 47.43
N TYR A 185 -1.74 3.25 46.66
CA TYR A 185 -0.85 4.25 47.22
C TYR A 185 -1.64 5.46 47.70
N LEU A 186 -2.69 5.81 46.98
CA LEU A 186 -3.56 6.91 47.35
C LEU A 186 -4.24 6.65 48.70
N PHE A 187 -4.74 5.43 48.88
CA PHE A 187 -5.37 5.05 50.14
C PHE A 187 -4.35 5.04 51.28
N TYR A 188 -3.14 4.54 50.99
CA TYR A 188 -2.10 4.51 52.00
C TYR A 188 -1.71 5.92 52.43
N THR A 189 -1.71 6.87 51.49
CA THR A 189 -1.29 8.22 51.81
C THR A 189 -2.40 9.01 52.49
N ASN A 190 -3.51 9.25 51.78
CA ASN A 190 -4.58 10.07 52.33
C ASN A 190 -5.89 9.68 51.60
N TRP A 191 -6.77 8.99 52.33
CA TRP A 191 -7.99 8.46 51.74
C TRP A 191 -8.90 9.56 51.20
N ARG A 192 -9.19 10.58 52.02
CA ARG A 192 -10.11 11.63 51.60
C ARG A 192 -9.50 12.48 50.48
N LEU A 193 -8.22 12.79 50.59
CA LEU A 193 -7.54 13.52 49.53
C LEU A 193 -7.58 12.75 48.22
N THR A 194 -7.34 11.44 48.29
CA THR A 194 -7.41 10.60 47.11
C THR A 194 -8.82 10.55 46.55
N ILE A 195 -9.83 10.56 47.43
CA ILE A 195 -11.21 10.58 46.97
C ILE A 195 -11.47 11.84 46.16
N CYS A 196 -11.06 12.98 46.71
CA CYS A 196 -11.22 14.23 45.98
C CYS A 196 -10.44 14.21 44.66
N ILE A 197 -9.26 13.59 44.67
CA ILE A 197 -8.44 13.51 43.46
C ILE A 197 -9.16 12.69 42.40
N MET A 198 -9.67 11.53 42.76
CA MET A 198 -10.42 10.71 41.82
C MET A 198 -11.65 11.46 41.33
N VAL A 199 -12.26 12.25 42.22
CA VAL A 199 -13.45 13.03 41.87
C VAL A 199 -13.11 13.99 40.75
N PHE A 200 -12.05 14.76 40.94
CA PHE A 200 -11.63 15.73 39.93
C PHE A 200 -10.98 15.06 38.72
N LEU A 201 -10.66 13.78 38.82
CA LEU A 201 -9.95 13.08 37.75
C LEU A 201 -10.90 12.44 36.75
N PRO A 202 -10.36 11.72 35.75
CA PRO A 202 -11.17 10.96 34.79
C PRO A 202 -12.20 11.77 34.00
N ILE A 203 -12.93 12.68 34.65
CA ILE A 203 -13.93 13.46 33.94
C ILE A 203 -13.25 14.38 32.93
N ILE A 204 -12.27 15.16 33.39
CA ILE A 204 -11.52 16.02 32.48
C ILE A 204 -10.77 15.19 31.46
N GLY A 205 -10.37 13.96 31.84
CA GLY A 205 -9.68 13.11 30.89
C GLY A 205 -10.56 12.68 29.73
N ILE A 206 -11.80 12.30 30.05
CA ILE A 206 -12.74 11.93 28.99
C ILE A 206 -13.11 13.15 28.17
N LEU A 207 -13.23 14.32 28.82
CA LEU A 207 -13.45 15.55 28.08
C LEU A 207 -12.31 15.81 27.12
N VAL A 208 -11.08 15.57 27.55
CA VAL A 208 -9.92 15.75 26.68
C VAL A 208 -9.96 14.73 25.54
N ARG A 209 -10.39 13.51 25.83
CA ARG A 209 -10.51 12.51 24.76
C ARG A 209 -11.49 12.97 23.70
N LYS A 210 -12.65 13.48 24.11
CA LYS A 210 -13.64 13.97 23.16
C LYS A 210 -13.10 15.18 22.40
N ALA A 211 -12.42 16.09 23.10
CA ALA A 211 -11.84 17.26 22.46
C ALA A 211 -10.81 16.84 21.41
N SER A 212 -9.99 15.84 21.73
CA SER A 212 -9.00 15.34 20.78
C SER A 212 -9.67 14.72 19.56
N LYS A 213 -10.75 13.96 19.77
CA LYS A 213 -11.46 13.38 18.63
C LYS A 213 -12.02 14.46 17.73
N ARG A 214 -12.66 15.48 18.32
CA ARG A 214 -13.21 16.57 17.53
C ARG A 214 -12.10 17.34 16.81
N MET A 215 -10.98 17.57 17.48
CA MET A 215 -9.87 18.27 16.86
C MET A 215 -9.30 17.46 15.70
N ARG A 216 -9.20 16.14 15.85
CA ARG A 216 -8.73 15.31 14.75
C ARG A 216 -9.68 15.37 13.58
N LYS A 217 -10.99 15.36 13.85
CA LYS A 217 -11.97 15.48 12.77
C LYS A 217 -11.84 16.81 12.04
N LEU A 218 -11.68 17.90 12.81
CA LEU A 218 -11.50 19.21 12.19
C LEU A 218 -10.21 19.26 11.39
N SER A 219 -9.14 18.66 11.91
CA SER A 219 -7.88 18.60 11.18
C SER A 219 -8.05 17.85 9.87
N MET A 220 -8.78 16.73 9.90
CA MET A 220 -9.02 16.00 8.67
C MET A 220 -9.82 16.83 7.67
N GLN A 221 -10.84 17.55 8.16
CA GLN A 221 -11.66 18.37 7.28
C GLN A 221 -10.82 19.47 6.61
N VAL A 222 -10.01 20.18 7.41
CA VAL A 222 -9.20 21.26 6.85
C VAL A 222 -8.12 20.70 5.93
N GLN A 223 -7.55 19.54 6.29
CA GLN A 223 -6.54 18.92 5.44
C GLN A 223 -7.12 18.52 4.09
N ASP A 224 -8.35 18.00 4.09
CA ASP A 224 -9.01 17.71 2.82
C ASP A 224 -9.31 18.99 2.04
N THR A 225 -9.74 20.04 2.75
CA THR A 225 -10.03 21.31 2.08
C THR A 225 -8.80 21.85 1.38
N MET A 226 -7.62 21.76 2.02
CA MET A 226 -6.39 22.19 1.37
C MET A 226 -5.93 21.19 0.31
N GLY A 227 -6.09 19.90 0.57
CA GLY A 227 -5.56 18.88 -0.31
C GLY A 227 -6.30 18.73 -1.61
N ASP A 228 -7.57 19.15 -1.66
CA ASP A 228 -8.25 19.19 -2.95
C ASP A 228 -7.52 20.11 -3.92
N VAL A 229 -7.25 21.35 -3.49
CA VAL A 229 -6.50 22.28 -4.31
C VAL A 229 -5.07 21.80 -4.51
N ASN A 230 -4.50 21.15 -3.49
CA ASN A 230 -3.14 20.63 -3.60
C ASN A 230 -3.03 19.62 -4.74
N HIS A 231 -3.94 18.64 -4.76
CA HIS A 231 -3.94 17.64 -5.83
C HIS A 231 -4.26 18.28 -7.18
N VAL A 232 -5.19 19.25 -7.20
CA VAL A 232 -5.53 19.92 -8.45
C VAL A 232 -4.29 20.59 -9.04
N VAL A 233 -3.51 21.27 -8.21
CA VAL A 233 -2.28 21.91 -8.69
C VAL A 233 -1.26 20.87 -9.08
N GLN A 234 -1.08 19.83 -8.26
CA GLN A 234 -0.11 18.79 -8.54
C GLN A 234 -0.51 17.90 -9.69
N GLU A 235 -1.66 18.15 -10.33
CA GLU A 235 -2.11 17.38 -11.47
C GLU A 235 -2.34 18.23 -12.71
N SER A 236 -1.70 19.40 -12.80
CA SER A 236 -1.91 20.33 -13.91
C SER A 236 -0.59 20.94 -14.36
N ILE A 237 0.43 20.10 -14.55
CA ILE A 237 1.75 20.58 -14.91
C ILE A 237 2.16 20.23 -16.33
N ASN A 238 1.31 19.53 -17.08
CA ASN A 238 1.65 19.09 -18.42
C ASN A 238 1.57 20.27 -19.38
N GLY A 239 1.69 19.99 -20.67
CA GLY A 239 1.56 21.03 -21.68
C GLY A 239 2.87 21.60 -22.17
N ASN A 240 3.79 20.74 -22.62
CA ASN A 240 5.05 21.21 -23.15
C ASN A 240 4.85 22.02 -24.43
N ALA A 241 3.90 21.60 -25.28
CA ALA A 241 3.63 22.35 -26.51
C ALA A 241 3.16 23.76 -26.21
N VAL A 242 2.40 23.93 -25.12
CA VAL A 242 1.96 25.27 -24.73
C VAL A 242 3.16 26.15 -24.44
N VAL A 243 4.17 25.61 -23.75
CA VAL A 243 5.39 26.37 -23.51
C VAL A 243 6.11 26.65 -24.83
N LYS A 244 6.17 25.64 -25.71
CA LYS A 244 6.78 25.84 -27.01
C LYS A 244 6.11 26.99 -27.76
N SER A 245 4.83 27.22 -27.52
CA SER A 245 4.15 28.33 -28.17
C SER A 245 4.41 29.65 -27.45
N PHE A 246 3.95 29.77 -26.19
CA PHE A 246 4.01 31.04 -25.47
C PHE A 246 4.86 30.98 -24.20
N ALA A 247 4.58 30.03 -23.30
CA ALA A 247 5.31 29.88 -22.04
C ALA A 247 5.24 31.15 -21.18
N GLY A 248 4.03 31.50 -20.77
CA GLY A 248 3.85 32.67 -19.94
C GLY A 248 3.10 32.42 -18.64
N GLU A 249 2.78 31.16 -18.35
CA GLU A 249 1.92 30.80 -17.23
C GLU A 249 2.63 30.83 -15.89
N GLU A 250 3.82 31.43 -15.82
CA GLU A 250 4.53 31.50 -14.55
C GLU A 250 3.70 32.17 -13.47
N SER A 251 3.08 33.30 -13.81
CA SER A 251 2.22 33.97 -12.84
C SER A 251 0.98 33.14 -12.53
N GLU A 252 0.50 32.36 -13.50
CA GLU A 252 -0.64 31.48 -13.24
C GLU A 252 -0.29 30.45 -12.17
N GLN A 253 0.89 29.83 -12.29
CA GLN A 253 1.35 28.91 -11.27
C GLN A 253 1.55 29.62 -9.94
N GLU A 254 2.09 30.85 -9.98
CA GLU A 254 2.25 31.62 -8.75
C GLU A 254 0.92 31.83 -8.05
N ARG A 255 -0.13 32.15 -8.80
CA ARG A 255 -1.43 32.43 -8.19
C ARG A 255 -2.07 31.14 -7.67
N PHE A 256 -2.01 30.06 -8.45
CA PHE A 256 -2.54 28.79 -7.97
C PHE A 256 -1.85 28.37 -6.68
N TYR A 257 -0.52 28.48 -6.65
CA TYR A 257 0.23 28.18 -5.44
C TYR A 257 -0.11 29.13 -4.31
N LYS A 258 -0.45 30.38 -4.62
CA LYS A 258 -0.83 31.33 -3.58
C LYS A 258 -2.11 30.90 -2.89
N SER A 259 -3.13 30.53 -3.67
CA SER A 259 -4.36 30.03 -3.07
C SER A 259 -4.11 28.74 -2.30
N SER A 260 -3.34 27.83 -2.89
CA SER A 260 -2.98 26.60 -2.19
C SER A 260 -2.26 26.91 -0.88
N GLU A 261 -1.40 27.92 -0.89
CA GLU A 261 -0.65 28.29 0.31
C GLU A 261 -1.56 28.91 1.35
N GLU A 262 -2.60 29.64 0.93
CA GLU A 262 -3.58 30.14 1.90
C GLU A 262 -4.26 28.98 2.60
N ASN A 263 -4.72 27.99 1.82
CA ASN A 263 -5.32 26.81 2.43
C ASN A 263 -4.31 26.07 3.32
N LEU A 264 -3.05 26.06 2.91
CA LEU A 264 -2.01 25.39 3.68
C LEU A 264 -1.76 26.10 5.00
N LYS A 265 -1.76 27.43 4.99
CA LYS A 265 -1.62 28.19 6.22
C LYS A 265 -2.78 27.89 7.16
N ARG A 266 -4.00 27.81 6.61
CA ARG A 266 -5.15 27.41 7.41
C ARG A 266 -4.92 26.06 8.07
N GLY A 267 -4.53 25.06 7.27
CA GLY A 267 -4.32 23.73 7.80
C GLY A 267 -3.20 23.67 8.83
N LEU A 268 -2.12 24.42 8.57
CA LEU A 268 -1.00 24.44 9.50
C LEU A 268 -1.40 25.06 10.83
N LYS A 269 -2.14 26.18 10.79
CA LYS A 269 -2.65 26.75 12.02
C LYS A 269 -3.55 25.77 12.74
N MET A 270 -4.35 25.00 11.99
CA MET A 270 -5.19 24.00 12.62
C MET A 270 -4.35 22.92 13.31
N VAL A 271 -3.27 22.49 12.66
CA VAL A 271 -2.40 21.47 13.25
C VAL A 271 -1.74 22.01 14.50
N ILE A 272 -1.30 23.26 14.46
CA ILE A 272 -0.71 23.87 15.65
C ILE A 272 -1.74 23.95 16.77
N VAL A 273 -2.99 24.23 16.42
CA VAL A 273 -4.06 24.26 17.41
C VAL A 273 -4.26 22.87 18.00
N GLN A 274 -4.17 21.83 17.17
CA GLN A 274 -4.26 20.47 17.67
C GLN A 274 -3.15 20.18 18.66
N ASN A 275 -1.94 20.63 18.35
CA ASN A 275 -0.84 20.48 19.30
C ASN A 275 -1.13 21.23 20.59
N LEU A 276 -1.66 22.44 20.49
CA LEU A 276 -2.00 23.24 21.66
C LEU A 276 -3.14 22.65 22.46
N ASN A 277 -3.96 21.80 21.85
CA ASN A 277 -5.08 21.18 22.55
C ASN A 277 -4.63 20.39 23.77
N SER A 278 -3.50 19.68 23.68
CA SER A 278 -2.95 19.04 24.87
C SER A 278 -2.73 20.01 26.02
N PRO A 279 -2.46 21.30 25.79
CA PRO A 279 -2.41 22.23 26.93
C PRO A 279 -3.72 22.34 27.66
N VAL A 280 -4.84 21.94 27.05
CA VAL A 280 -6.09 21.85 27.80
C VAL A 280 -5.99 20.73 28.84
N VAL A 281 -5.45 19.58 28.46
CA VAL A 281 -5.22 18.52 29.42
C VAL A 281 -4.20 18.97 30.46
N GLN A 282 -3.23 19.77 30.04
CA GLN A 282 -2.31 20.37 30.99
C GLN A 282 -3.05 21.25 31.99
N VAL A 283 -4.00 22.04 31.51
CA VAL A 283 -4.83 22.86 32.39
C VAL A 283 -5.63 21.99 33.34
N VAL A 284 -6.06 20.82 32.85
CA VAL A 284 -6.79 19.89 33.71
C VAL A 284 -5.89 19.40 34.84
N MET A 285 -4.71 18.92 34.47
CA MET A 285 -3.74 18.53 35.49
C MET A 285 -3.40 19.70 36.40
N ALA A 286 -3.47 20.92 35.88
CA ALA A 286 -3.23 22.10 36.68
C ALA A 286 -4.33 22.29 37.71
N CYS A 287 -5.58 22.05 37.32
CA CYS A 287 -6.66 22.07 38.28
C CYS A 287 -6.48 20.97 39.32
N ALA A 288 -5.95 19.83 38.91
CA ALA A 288 -5.64 18.76 39.87
C ALA A 288 -4.60 19.25 40.87
N MET A 289 -3.55 19.88 40.37
CA MET A 289 -2.55 20.48 41.24
C MET A 289 -3.15 21.57 42.12
N ALA A 290 -4.15 22.30 41.61
CA ALA A 290 -4.85 23.29 42.42
C ALA A 290 -5.61 22.62 43.55
N LEU A 291 -6.21 21.46 43.28
CA LEU A 291 -6.82 20.68 44.35
C LEU A 291 -5.78 20.26 45.36
N ILE A 292 -4.61 19.86 44.89
CA ILE A 292 -3.50 19.51 45.78
C ILE A 292 -3.12 20.73 46.63
N VAL A 293 -3.07 21.90 45.99
CA VAL A 293 -2.68 23.12 46.68
C VAL A 293 -3.74 23.50 47.71
N TRP A 294 -5.01 23.25 47.40
CA TRP A 294 -6.07 23.52 48.36
C TRP A 294 -6.00 22.57 49.54
N LEU A 295 -5.70 21.30 49.29
CA LEU A 295 -5.45 20.37 50.38
C LEU A 295 -4.31 20.86 51.25
N ALA A 296 -3.26 21.38 50.62
CA ALA A 296 -2.18 22.02 51.36
C ALA A 296 -2.66 23.24 52.13
N LEU A 297 -3.62 23.99 51.57
CA LEU A 297 -4.19 25.14 52.27
C LEU A 297 -4.90 24.71 53.53
N ARG A 298 -5.52 23.54 53.52
CA ARG A 298 -5.92 22.90 54.76
C ARG A 298 -4.65 22.60 55.56
N PRO A 299 -4.56 23.06 56.80
CA PRO A 299 -3.34 22.81 57.58
C PRO A 299 -3.10 21.32 57.81
N GLN A 300 -4.15 20.52 57.62
CA GLN A 300 -4.06 19.08 57.78
C GLN A 300 -2.94 18.50 56.94
N ILE A 301 -2.78 18.99 55.70
CA ILE A 301 -1.68 18.54 54.86
C ILE A 301 -0.35 18.99 55.44
N LEU A 302 -0.31 20.21 55.98
CA LEU A 302 0.93 20.72 56.58
C LEU A 302 1.38 19.83 57.74
N GLY A 303 0.47 19.53 58.66
CA GLY A 303 0.79 18.57 59.71
C GLY A 303 1.15 17.22 59.13
N ASN A 304 0.45 16.81 58.08
CA ASN A 304 0.84 15.61 57.34
C ASN A 304 2.23 15.78 56.74
N THR A 305 2.48 16.94 56.15
CA THR A 305 3.76 17.25 55.53
C THR A 305 4.20 16.12 54.60
N THR A 306 3.42 15.93 53.54
CA THR A 306 3.66 14.82 52.63
C THR A 306 5.07 14.89 52.05
N ALA A 307 5.52 16.07 51.64
CA ALA A 307 6.89 16.27 51.18
C ALA A 307 7.26 15.31 50.06
N GLY A 308 8.30 14.50 50.31
CA GLY A 308 8.68 13.51 49.32
C GLY A 308 7.53 12.59 48.97
N GLU A 309 6.66 12.31 49.93
CA GLU A 309 5.45 11.54 49.64
C GLU A 309 4.57 12.27 48.63
N PHE A 310 4.42 13.59 48.78
CA PHE A 310 3.65 14.35 47.81
C PHE A 310 4.31 14.30 46.43
N VAL A 311 5.65 14.41 46.41
CA VAL A 311 6.37 14.28 45.15
C VAL A 311 6.06 12.95 44.51
N ALA A 312 6.08 11.88 45.31
CA ALA A 312 5.77 10.55 44.81
C ALA A 312 4.35 10.49 44.29
N TYR A 313 3.42 11.10 45.01
CA TYR A 313 2.03 11.07 44.59
C TYR A 313 1.85 11.74 43.24
N ILE A 314 2.44 12.91 43.06
CA ILE A 314 2.33 13.60 41.79
C ILE A 314 3.00 12.78 40.69
N THR A 315 4.17 12.22 41.00
CA THR A 315 4.87 11.40 40.03
C THR A 315 4.01 10.24 39.58
N ALA A 316 3.36 9.57 40.53
CA ALA A 316 2.53 8.42 40.20
C ALA A 316 1.32 8.85 39.38
N ALA A 317 0.68 9.94 39.78
CA ALA A 317 -0.41 10.49 39.00
C ALA A 317 0.01 10.66 37.54
N GLY A 318 1.22 11.18 37.34
CA GLY A 318 1.76 11.25 35.99
C GLY A 318 1.91 9.87 35.37
N LEU A 319 2.49 8.94 36.12
CA LEU A 319 2.62 7.57 35.64
C LEU A 319 1.26 7.01 35.27
N LEU A 320 0.25 7.32 36.08
CA LEU A 320 -1.11 6.89 35.77
C LEU A 320 -1.55 7.39 34.41
N SER A 321 -1.09 8.57 33.99
CA SER A 321 -1.52 9.13 32.72
C SER A 321 -1.17 8.22 31.56
N LYS A 322 0.08 7.72 31.53
CA LYS A 322 0.46 6.76 30.49
C LYS A 322 -0.48 5.57 30.47
N PRO A 323 -0.92 5.02 31.60
CA PRO A 323 -1.80 3.86 31.57
C PRO A 323 -3.09 4.11 30.80
N VAL A 324 -3.86 5.13 31.21
CA VAL A 324 -5.12 5.41 30.53
C VAL A 324 -4.86 5.84 29.09
N LYS A 325 -3.76 6.57 28.87
CA LYS A 325 -3.41 6.98 27.51
C LYS A 325 -3.27 5.77 26.59
N ASN A 326 -2.53 4.75 27.04
CA ASN A 326 -2.45 3.52 26.27
C ASN A 326 -3.81 2.84 26.19
N LEU A 327 -4.55 2.84 27.29
CA LEU A 327 -5.81 2.09 27.37
C LEU A 327 -6.85 2.61 26.39
N THR A 328 -6.78 3.88 26.03
CA THR A 328 -7.77 4.43 25.10
C THR A 328 -7.76 3.67 23.78
N ASP A 329 -6.56 3.38 23.25
CA ASP A 329 -6.46 2.65 21.99
C ASP A 329 -7.00 1.23 22.09
N VAL A 330 -7.16 0.70 23.31
CA VAL A 330 -7.57 -0.69 23.47
C VAL A 330 -8.89 -0.94 22.77
N ASN A 331 -9.89 -0.11 23.03
CA ASN A 331 -11.18 -0.28 22.37
C ASN A 331 -11.06 -0.04 20.87
N GLU A 332 -10.21 0.90 20.47
CA GLU A 332 -10.03 1.20 19.05
C GLU A 332 -9.59 -0.05 18.29
N LYS A 333 -8.41 -0.58 18.61
CA LYS A 333 -7.94 -1.78 17.95
C LYS A 333 -8.86 -2.96 18.23
N LEU A 334 -9.54 -2.95 19.39
CA LEU A 334 -10.47 -4.02 19.71
C LEU A 334 -11.58 -4.09 18.68
N GLN A 335 -12.18 -2.95 18.37
CA GLN A 335 -13.19 -2.89 17.32
C GLN A 335 -12.57 -3.19 15.96
N ARG A 336 -11.37 -2.69 15.70
CA ARG A 336 -10.71 -2.95 14.42
C ARG A 336 -10.59 -4.44 14.16
N GLY A 337 -10.27 -5.22 15.20
CA GLY A 337 -10.15 -6.65 15.08
C GLY A 337 -11.48 -7.37 15.10
N LEU A 338 -12.39 -6.92 15.95
CA LEU A 338 -13.71 -7.52 16.00
C LEU A 338 -14.42 -7.39 14.66
N ALA A 339 -14.08 -6.35 13.89
CA ALA A 339 -14.68 -6.17 12.57
C ALA A 339 -14.51 -7.41 11.69
N ALA A 340 -13.43 -8.16 11.88
CA ALA A 340 -13.27 -9.43 11.22
C ALA A 340 -13.62 -10.61 12.10
N ALA A 341 -13.38 -10.50 13.41
CA ALA A 341 -13.60 -11.61 14.32
C ALA A 341 -15.06 -12.04 14.37
N HIS A 342 -15.99 -11.09 14.24
CA HIS A 342 -17.41 -11.45 14.27
C HIS A 342 -17.74 -12.38 13.11
N SER A 343 -17.41 -11.97 11.89
CA SER A 343 -17.63 -12.83 10.73
C SER A 343 -16.82 -14.11 10.84
N VAL A 344 -15.66 -14.05 11.50
CA VAL A 344 -14.83 -15.23 11.65
C VAL A 344 -15.56 -16.28 12.49
N PHE A 345 -16.03 -15.88 13.67
CA PHE A 345 -16.77 -16.80 14.50
C PHE A 345 -18.06 -17.24 13.84
N GLU A 346 -18.66 -16.36 13.03
CA GLU A 346 -19.86 -16.75 12.30
C GLU A 346 -19.58 -17.89 11.33
N LEU A 347 -18.57 -17.72 10.48
CA LEU A 347 -18.17 -18.78 9.58
C LEU A 347 -17.75 -20.03 10.34
N LEU A 348 -17.17 -19.85 11.52
CA LEU A 348 -16.83 -21.00 12.36
C LEU A 348 -18.09 -21.76 12.75
N ASP A 349 -19.15 -21.03 13.11
CA ASP A 349 -20.43 -21.62 13.47
C ASP A 349 -21.41 -21.60 12.31
N LEU A 350 -20.91 -21.53 11.08
CA LEU A 350 -21.76 -21.42 9.90
C LEU A 350 -22.60 -22.69 9.73
N PRO A 351 -23.50 -22.72 8.75
CA PRO A 351 -24.37 -23.88 8.58
C PRO A 351 -23.59 -25.19 8.49
N GLU A 352 -23.77 -26.04 9.49
CA GLU A 352 -23.05 -27.31 9.55
C GLU A 352 -23.65 -28.30 8.57
N GLU A 353 -22.77 -29.08 7.93
CA GLU A 353 -23.21 -30.16 7.04
C GLU A 353 -23.67 -31.32 7.92
N GLN A 354 -24.97 -31.41 8.11
CA GLN A 354 -25.55 -32.43 8.99
C GLN A 354 -25.29 -33.81 8.40
N ASN A 355 -24.38 -34.56 9.03
CA ASN A 355 -24.01 -35.89 8.57
C ASN A 355 -25.02 -36.91 9.09
N SER A 356 -26.25 -36.78 8.60
CA SER A 356 -27.33 -37.69 8.96
C SER A 356 -27.19 -38.95 8.11
N GLY A 357 -26.49 -39.94 8.64
CA GLY A 357 -26.22 -41.16 7.88
C GLY A 357 -26.12 -42.38 8.76
N GLU A 358 -26.41 -43.52 8.15
CA GLU A 358 -26.31 -44.82 8.81
C GLU A 358 -24.86 -45.28 8.81
N LEU A 359 -24.63 -46.55 9.14
CA LEU A 359 -23.29 -47.15 9.11
C LEU A 359 -23.36 -48.42 8.25
N LYS A 360 -23.19 -48.26 6.95
CA LYS A 360 -23.18 -49.36 6.00
C LYS A 360 -21.78 -49.58 5.46
N PRO A 361 -21.19 -50.76 5.65
CA PRO A 361 -19.80 -50.96 5.22
C PRO A 361 -19.62 -50.89 3.71
N GLN A 362 -20.42 -51.64 2.96
CA GLN A 362 -20.27 -51.68 1.51
C GLN A 362 -21.57 -52.16 0.90
N LEU A 363 -21.71 -51.93 -0.41
CA LEU A 363 -22.89 -52.31 -1.18
C LEU A 363 -22.47 -53.09 -2.42
N GLN A 364 -23.47 -53.57 -3.16
CA GLN A 364 -23.23 -54.34 -4.37
C GLN A 364 -23.20 -53.48 -5.63
N GLY A 365 -23.97 -52.41 -5.66
CA GLY A 365 -24.01 -51.55 -6.83
C GLY A 365 -25.43 -51.20 -7.26
N ALA A 366 -26.41 -51.52 -6.43
CA ALA A 366 -27.81 -51.21 -6.71
C ALA A 366 -28.09 -49.79 -6.24
N ILE A 367 -27.86 -48.83 -7.13
CA ILE A 367 -28.04 -47.41 -6.81
C ILE A 367 -29.10 -46.85 -7.75
N ARG A 368 -30.07 -46.14 -7.18
CA ARG A 368 -31.14 -45.53 -7.96
C ARG A 368 -31.52 -44.21 -7.31
N PHE A 369 -31.20 -43.11 -7.98
CA PHE A 369 -31.58 -41.77 -7.53
C PHE A 369 -32.78 -41.31 -8.34
N ASP A 370 -33.86 -40.94 -7.65
CA ASP A 370 -35.13 -40.66 -8.31
C ASP A 370 -35.55 -39.22 -8.06
N HIS A 371 -36.03 -38.58 -9.14
CA HIS A 371 -36.67 -37.26 -9.07
C HIS A 371 -35.78 -36.23 -8.40
N VAL A 372 -34.60 -36.01 -8.98
CA VAL A 372 -33.69 -34.97 -8.50
C VAL A 372 -34.20 -33.65 -9.06
N VAL A 373 -34.83 -32.86 -8.20
CA VAL A 373 -35.41 -31.57 -8.59
C VAL A 373 -34.59 -30.49 -7.88
N LEU A 374 -33.56 -30.00 -8.57
CA LEU A 374 -32.72 -28.95 -8.02
C LEU A 374 -31.97 -28.28 -9.16
N ASN A 375 -31.47 -27.08 -8.87
CA ASN A 375 -30.68 -26.30 -9.81
C ASN A 375 -29.68 -25.48 -9.00
N TYR A 376 -29.13 -24.45 -9.62
CA TYR A 376 -28.23 -23.53 -8.92
C TYR A 376 -28.94 -22.98 -7.68
N ALA A 377 -28.24 -23.02 -6.54
CA ALA A 377 -28.83 -22.63 -5.28
C ALA A 377 -29.28 -21.18 -5.30
N ASP A 378 -30.28 -20.87 -4.47
CA ASP A 378 -30.90 -19.54 -4.44
C ASP A 378 -31.46 -19.18 -5.81
N GLY A 379 -32.05 -20.16 -6.48
CA GLY A 379 -32.62 -19.95 -7.80
C GLY A 379 -33.79 -20.86 -8.08
N THR A 380 -34.22 -20.90 -9.34
CA THR A 380 -35.36 -21.71 -9.74
C THR A 380 -34.91 -23.17 -9.89
N GLN A 381 -35.78 -24.00 -10.47
CA GLN A 381 -35.48 -25.41 -10.70
C GLN A 381 -35.26 -25.62 -12.20
N ALA A 382 -34.08 -26.13 -12.56
CA ALA A 382 -33.73 -26.43 -13.94
C ALA A 382 -33.51 -27.92 -14.16
N ILE A 383 -32.68 -28.57 -13.35
CA ILE A 383 -32.54 -30.03 -13.39
C ILE A 383 -33.61 -30.56 -12.45
N LYS A 384 -34.81 -30.69 -12.98
CA LYS A 384 -35.97 -31.09 -12.20
C LYS A 384 -36.32 -32.54 -12.52
N ASP A 385 -36.59 -33.32 -11.48
CA ASP A 385 -36.93 -34.73 -11.62
C ASP A 385 -35.87 -35.49 -12.41
N PHE A 386 -34.60 -35.19 -12.10
CA PHE A 386 -33.47 -35.85 -12.76
C PHE A 386 -33.28 -37.22 -12.12
N SER A 387 -34.20 -38.12 -12.43
CA SER A 387 -34.17 -39.47 -11.90
C SER A 387 -33.11 -40.30 -12.62
N LEU A 388 -32.47 -41.19 -11.88
CA LEU A 388 -31.42 -42.06 -12.43
C LEU A 388 -31.48 -43.38 -11.68
N ASP A 389 -32.15 -44.37 -12.27
CA ASP A 389 -32.24 -45.71 -11.70
C ASP A 389 -31.36 -46.66 -12.49
N ILE A 390 -30.51 -47.40 -11.79
CA ILE A 390 -29.52 -48.27 -12.40
C ILE A 390 -29.66 -49.67 -11.83
N ARG A 391 -29.52 -50.67 -12.70
CA ARG A 391 -29.57 -52.05 -12.25
C ARG A 391 -28.35 -52.37 -11.38
N PRO A 392 -28.50 -53.32 -10.45
CA PRO A 392 -27.38 -53.65 -9.57
C PRO A 392 -26.20 -54.22 -10.35
N GLY A 393 -25.00 -53.89 -9.88
CA GLY A 393 -23.77 -54.44 -10.44
C GLY A 393 -23.30 -53.92 -11.78
N GLU A 394 -24.19 -53.84 -12.75
CA GLU A 394 -23.82 -53.45 -14.11
C GLU A 394 -23.35 -52.00 -14.16
N THR A 395 -22.51 -51.71 -15.15
CA THR A 395 -22.00 -50.36 -15.38
C THR A 395 -22.63 -49.79 -16.63
N VAL A 396 -23.16 -48.58 -16.53
CA VAL A 396 -23.85 -47.92 -17.64
C VAL A 396 -23.29 -46.51 -17.79
N ALA A 397 -23.56 -45.92 -18.96
CA ALA A 397 -23.08 -44.59 -19.28
C ALA A 397 -24.23 -43.74 -19.80
N LEU A 398 -24.07 -42.43 -19.68
CA LEU A 398 -25.07 -41.47 -20.15
C LEU A 398 -24.41 -40.44 -21.05
N VAL A 399 -25.15 -40.00 -22.07
CA VAL A 399 -24.65 -39.03 -23.03
C VAL A 399 -25.72 -37.95 -23.24
N GLY A 400 -25.29 -36.82 -23.78
CA GLY A 400 -26.19 -35.72 -24.03
C GLY A 400 -25.43 -34.43 -24.26
N ARG A 401 -26.08 -33.32 -23.91
CA ARG A 401 -25.48 -32.01 -24.07
C ARG A 401 -24.26 -31.87 -23.16
N SER A 402 -23.20 -31.25 -23.69
CA SER A 402 -21.96 -31.09 -22.93
C SER A 402 -22.18 -30.21 -21.70
N GLY A 403 -22.93 -29.12 -21.85
CA GLY A 403 -23.16 -28.18 -20.77
C GLY A 403 -24.53 -28.38 -20.14
N ALA A 404 -25.23 -27.25 -19.92
CA ALA A 404 -26.55 -27.24 -19.31
C ALA A 404 -26.55 -27.92 -17.94
N GLY A 405 -25.52 -27.62 -17.16
CA GLY A 405 -25.43 -28.16 -15.81
C GLY A 405 -24.96 -29.59 -15.70
N LYS A 406 -24.14 -30.06 -16.64
CA LYS A 406 -23.58 -31.41 -16.52
C LYS A 406 -22.67 -31.52 -15.30
N THR A 407 -21.79 -30.53 -15.10
CA THR A 407 -20.96 -30.52 -13.90
C THR A 407 -21.82 -30.41 -12.64
N SER A 408 -22.94 -29.70 -12.74
CA SER A 408 -23.88 -29.65 -11.62
C SER A 408 -24.44 -31.04 -11.32
N LEU A 409 -24.78 -31.80 -12.36
CA LEU A 409 -25.22 -33.18 -12.15
C LEU A 409 -24.13 -34.02 -11.51
N VAL A 410 -22.88 -33.82 -11.94
CA VAL A 410 -21.77 -34.54 -11.34
C VAL A 410 -21.67 -34.22 -9.85
N ASN A 411 -21.72 -32.94 -9.51
CA ASN A 411 -21.65 -32.54 -8.11
C ASN A 411 -22.81 -33.12 -7.31
N MET A 412 -23.99 -33.18 -7.91
CA MET A 412 -25.12 -33.83 -7.27
C MET A 412 -24.82 -35.29 -6.98
N LEU A 413 -24.24 -36.00 -7.96
CA LEU A 413 -23.77 -37.35 -7.70
C LEU A 413 -22.72 -37.36 -6.60
N VAL A 414 -21.96 -36.28 -6.46
CA VAL A 414 -20.95 -36.15 -5.43
C VAL A 414 -21.62 -35.72 -4.14
N ARG A 415 -22.96 -35.71 -4.15
CA ARG A 415 -23.76 -35.32 -2.99
C ARG A 415 -23.51 -33.87 -2.61
N PHE A 416 -23.16 -33.03 -3.58
CA PHE A 416 -23.13 -31.59 -3.32
C PHE A 416 -24.54 -31.06 -3.07
N GLN A 417 -25.55 -31.75 -3.59
CA GLN A 417 -26.94 -31.42 -3.32
C GLN A 417 -27.72 -32.70 -3.05
N GLU A 418 -29.04 -32.63 -3.00
CA GLU A 418 -29.86 -33.80 -2.73
C GLU A 418 -31.08 -33.78 -3.65
N VAL A 419 -31.61 -34.97 -3.92
CA VAL A 419 -32.81 -35.09 -4.74
C VAL A 419 -33.99 -34.59 -3.91
N SER A 420 -34.49 -33.40 -4.25
CA SER A 420 -35.57 -32.81 -3.47
C SER A 420 -36.83 -33.65 -3.54
N SER A 421 -36.97 -34.49 -4.56
CA SER A 421 -38.12 -35.37 -4.72
C SER A 421 -37.62 -36.80 -4.92
N GLY A 422 -38.57 -37.72 -5.04
CA GLY A 422 -38.23 -39.11 -5.30
C GLY A 422 -37.69 -39.83 -4.08
N GLN A 423 -37.27 -41.07 -4.31
CA GLN A 423 -36.73 -41.92 -3.27
C GLN A 423 -35.36 -42.43 -3.73
N ILE A 424 -34.30 -41.88 -3.14
CA ILE A 424 -32.93 -42.26 -3.47
C ILE A 424 -32.60 -43.46 -2.60
N TYR A 425 -32.94 -44.65 -3.09
CA TYR A 425 -32.72 -45.90 -2.37
C TYR A 425 -31.41 -46.52 -2.84
N LEU A 426 -30.49 -46.75 -1.90
CA LEU A 426 -29.20 -47.36 -2.20
C LEU A 426 -28.94 -48.49 -1.23
N ASP A 427 -28.48 -49.63 -1.76
CA ASP A 427 -28.20 -50.83 -0.97
C ASP A 427 -29.42 -51.25 -0.17
N ASP A 428 -30.58 -51.27 -0.84
CA ASP A 428 -31.86 -51.62 -0.24
C ASP A 428 -32.19 -50.74 0.96
N LEU A 429 -31.79 -49.48 0.90
CA LEU A 429 -32.03 -48.51 1.96
C LEU A 429 -31.89 -47.10 1.40
N PRO A 430 -32.26 -46.08 2.17
CA PRO A 430 -32.17 -44.71 1.65
C PRO A 430 -30.74 -44.29 1.36
N ILE A 431 -30.61 -43.20 0.59
CA ILE A 431 -29.29 -42.67 0.28
C ILE A 431 -28.55 -42.30 1.56
N ARG A 432 -29.24 -41.62 2.48
CA ARG A 432 -28.63 -41.31 3.77
C ARG A 432 -28.33 -42.56 4.57
N ASP A 433 -29.08 -43.64 4.32
CA ASP A 433 -28.90 -44.89 5.08
C ASP A 433 -27.65 -45.63 4.61
N ILE A 434 -26.50 -45.01 4.88
CA ILE A 434 -25.21 -45.58 4.52
C ILE A 434 -24.14 -44.89 5.36
N GLU A 435 -22.99 -45.54 5.52
CA GLU A 435 -21.89 -44.95 6.26
C GLU A 435 -21.29 -43.79 5.47
N LEU A 436 -20.86 -42.75 6.19
CA LEU A 436 -20.21 -41.62 5.55
C LEU A 436 -18.88 -42.03 4.94
N SER A 437 -18.12 -42.87 5.64
CA SER A 437 -16.82 -43.30 5.14
C SER A 437 -16.96 -44.08 3.84
N SER A 438 -17.93 -44.99 3.77
CA SER A 438 -18.10 -45.81 2.57
C SER A 438 -18.39 -44.95 1.35
N LEU A 439 -19.27 -43.95 1.50
CA LEU A 439 -19.49 -43.00 0.43
C LEU A 439 -18.21 -42.26 0.10
N ARG A 440 -17.49 -41.80 1.12
CA ARG A 440 -16.20 -41.15 0.88
C ARG A 440 -15.20 -42.13 0.26
N THR A 441 -15.24 -43.40 0.69
CA THR A 441 -14.34 -44.40 0.10
C THR A 441 -14.64 -44.61 -1.37
N GLN A 442 -15.93 -44.70 -1.73
CA GLN A 442 -16.29 -44.86 -3.12
C GLN A 442 -16.12 -43.58 -3.92
N ILE A 443 -15.83 -42.45 -3.26
CA ILE A 443 -15.75 -41.17 -3.95
C ILE A 443 -14.51 -41.15 -4.84
N ALA A 444 -14.70 -40.81 -6.11
CA ALA A 444 -13.61 -40.72 -7.08
C ALA A 444 -14.10 -39.96 -8.30
N MET A 445 -13.15 -39.44 -9.06
CA MET A 445 -13.47 -38.69 -10.26
C MET A 445 -12.21 -38.53 -11.11
N VAL A 446 -12.40 -38.52 -12.42
CA VAL A 446 -11.31 -38.31 -13.37
C VAL A 446 -11.76 -37.20 -14.30
N ASN A 447 -11.47 -35.96 -13.93
CA ASN A 447 -11.85 -34.79 -14.72
C ASN A 447 -10.82 -33.71 -14.44
N GLN A 448 -11.16 -32.46 -14.79
CA GLN A 448 -10.29 -31.34 -14.44
C GLN A 448 -10.12 -31.20 -12.93
N GLN A 449 -11.01 -31.80 -12.15
CA GLN A 449 -10.91 -31.78 -10.69
C GLN A 449 -9.81 -32.75 -10.28
N VAL A 450 -8.58 -32.27 -10.36
CA VAL A 450 -7.39 -33.03 -9.98
C VAL A 450 -6.69 -32.26 -8.87
N VAL A 451 -6.41 -32.95 -7.76
CA VAL A 451 -5.79 -32.31 -6.61
C VAL A 451 -4.33 -32.75 -6.51
N LEU A 452 -3.43 -31.97 -7.11
CA LEU A 452 -2.02 -32.27 -7.04
C LEU A 452 -1.44 -31.80 -5.72
N PHE A 453 -1.02 -32.75 -4.88
CA PHE A 453 -0.46 -32.46 -3.57
C PHE A 453 1.05 -32.43 -3.71
N ASN A 454 1.66 -31.32 -3.32
CA ASN A 454 3.11 -31.13 -3.44
C ASN A 454 3.79 -31.96 -2.36
N ARG A 455 3.86 -33.26 -2.62
CA ARG A 455 4.41 -34.21 -1.66
C ARG A 455 5.08 -35.35 -2.43
N THR A 456 5.33 -36.46 -1.74
CA THR A 456 5.99 -37.60 -2.37
C THR A 456 5.10 -38.22 -3.44
N VAL A 457 5.74 -38.75 -4.48
CA VAL A 457 5.00 -39.49 -5.50
C VAL A 457 4.26 -40.65 -4.87
N ARG A 458 4.89 -41.36 -3.93
CA ARG A 458 4.19 -42.38 -3.17
C ARG A 458 3.09 -41.77 -2.33
N GLU A 459 3.33 -40.59 -1.76
CA GLU A 459 2.28 -39.91 -1.00
C GLU A 459 1.10 -39.55 -1.89
N ASN A 460 1.36 -39.05 -3.09
CA ASN A 460 0.29 -38.70 -4.01
C ASN A 460 -0.38 -39.93 -4.61
N ILE A 461 0.27 -41.09 -4.55
CA ILE A 461 -0.29 -42.29 -5.14
C ILE A 461 -1.49 -42.79 -4.36
N ALA A 462 -1.41 -42.76 -3.03
CA ALA A 462 -2.46 -43.26 -2.15
C ALA A 462 -3.22 -42.08 -1.57
N TYR A 463 -4.34 -41.73 -2.21
CA TYR A 463 -5.13 -40.60 -1.74
C TYR A 463 -5.73 -40.85 -0.37
N GLY A 464 -6.21 -42.06 -0.13
CA GLY A 464 -6.80 -42.43 1.15
C GLY A 464 -6.06 -43.56 1.81
N GLN A 465 -5.85 -43.43 3.13
CA GLN A 465 -5.16 -44.45 3.92
C GLN A 465 -3.79 -44.78 3.34
N LEU A 466 -2.99 -43.73 3.12
CA LEU A 466 -1.66 -43.92 2.57
C LEU A 466 -0.76 -44.70 3.52
N HIS A 467 -0.88 -44.45 4.83
CA HIS A 467 -0.08 -45.17 5.82
C HIS A 467 -0.47 -46.64 5.95
N ASN A 468 -1.60 -47.05 5.39
CA ASN A 468 -2.04 -48.44 5.40
C ASN A 468 -1.93 -49.08 4.02
N ALA A 469 -0.93 -48.68 3.24
CA ALA A 469 -0.72 -49.18 1.89
C ALA A 469 0.63 -49.87 1.80
N SER A 470 0.65 -51.03 1.14
CA SER A 470 1.86 -51.82 0.98
C SER A 470 2.73 -51.25 -0.13
N ASP A 471 4.04 -51.50 -0.01
CA ASP A 471 4.99 -51.04 -1.02
C ASP A 471 4.92 -51.86 -2.30
N GLU A 472 4.61 -53.15 -2.20
CA GLU A 472 4.44 -53.97 -3.40
C GLU A 472 3.26 -53.46 -4.23
N ASP A 473 2.15 -53.13 -3.56
CA ASP A 473 1.03 -52.53 -4.27
C ASP A 473 1.41 -51.18 -4.86
N VAL A 474 2.26 -50.42 -4.17
CA VAL A 474 2.72 -49.14 -4.70
C VAL A 474 3.50 -49.35 -6.00
N ILE A 475 4.40 -50.34 -6.01
CA ILE A 475 5.16 -50.64 -7.22
C ILE A 475 4.24 -51.12 -8.34
N ALA A 476 3.26 -51.94 -7.99
CA ALA A 476 2.30 -52.41 -9.00
C ALA A 476 1.52 -51.25 -9.61
N ALA A 477 1.08 -50.30 -8.77
CA ALA A 477 0.38 -49.13 -9.27
C ALA A 477 1.30 -48.27 -10.15
N ALA A 478 2.56 -48.11 -9.72
CA ALA A 478 3.52 -47.35 -10.52
C ALA A 478 3.71 -47.99 -11.89
N LYS A 479 3.72 -49.33 -11.94
CA LYS A 479 3.70 -50.00 -13.23
C LYS A 479 2.41 -49.70 -14.00
N ALA A 480 1.28 -49.65 -13.28
CA ALA A 480 -0.01 -49.33 -13.88
C ALA A 480 -0.17 -47.85 -14.20
N ALA A 481 0.83 -47.02 -13.86
CA ALA A 481 0.71 -45.59 -14.03
C ALA A 481 0.63 -45.17 -15.50
N TYR A 482 0.98 -46.05 -16.44
CA TYR A 482 0.98 -45.77 -17.86
C TYR A 482 1.99 -44.68 -18.21
N ALA A 483 2.72 -44.20 -17.21
CA ALA A 483 3.81 -43.24 -17.42
C ALA A 483 5.01 -43.57 -16.53
N HIS A 484 5.21 -44.85 -16.23
CA HIS A 484 6.28 -45.24 -15.32
C HIS A 484 7.66 -44.87 -15.86
N ASP A 485 7.87 -45.01 -17.18
CA ASP A 485 9.15 -44.64 -17.76
C ASP A 485 9.32 -43.13 -17.87
N PHE A 486 8.23 -42.36 -17.75
CA PHE A 486 8.27 -40.91 -17.89
C PHE A 486 7.96 -40.19 -16.59
N ILE A 487 6.80 -40.46 -15.98
CA ILE A 487 6.40 -39.76 -14.76
C ILE A 487 7.39 -40.09 -13.63
N MET A 488 7.72 -41.36 -13.48
CA MET A 488 8.68 -41.77 -12.45
C MET A 488 10.11 -41.43 -12.81
N ASN A 489 10.38 -40.97 -14.04
CA ASN A 489 11.72 -40.59 -14.45
C ASN A 489 12.08 -39.24 -13.83
N LEU A 490 12.24 -39.26 -12.52
CA LEU A 490 12.58 -38.07 -11.75
C LEU A 490 13.38 -38.49 -10.51
N PRO A 491 13.85 -37.54 -9.70
CA PRO A 491 14.61 -37.91 -8.51
C PRO A 491 13.78 -38.75 -7.55
N ASN A 492 14.44 -39.70 -6.89
CA ASN A 492 13.90 -40.58 -5.86
C ASN A 492 12.90 -41.61 -6.40
N GLY A 493 12.57 -41.57 -7.69
CA GLY A 493 11.69 -42.56 -8.28
C GLY A 493 10.33 -42.67 -7.61
N TYR A 494 10.08 -43.82 -6.97
CA TYR A 494 8.83 -44.02 -6.27
C TYR A 494 8.68 -43.09 -5.06
N ASP A 495 9.78 -42.52 -4.56
CA ASP A 495 9.74 -41.56 -3.47
C ASP A 495 9.94 -40.14 -3.95
N THR A 496 9.56 -39.85 -5.19
CA THR A 496 9.76 -38.53 -5.78
C THR A 496 8.85 -37.52 -5.10
N VAL A 497 9.40 -36.70 -4.22
CA VAL A 497 8.65 -35.63 -3.59
C VAL A 497 8.45 -34.51 -4.60
N LEU A 498 7.19 -34.10 -4.80
CA LEU A 498 6.93 -32.97 -5.68
C LEU A 498 7.66 -31.74 -5.16
N GLY A 499 8.38 -31.07 -6.04
CA GLY A 499 9.23 -29.96 -5.65
C GLY A 499 8.48 -28.68 -5.37
N ALA A 500 9.11 -27.55 -5.70
CA ALA A 500 8.50 -26.24 -5.48
C ALA A 500 7.36 -26.07 -6.47
N GLN A 501 6.13 -26.30 -6.00
CA GLN A 501 4.94 -26.27 -6.85
C GLN A 501 5.10 -27.21 -8.05
N GLY A 502 5.64 -28.39 -7.80
CA GLY A 502 5.90 -29.35 -8.86
C GLY A 502 6.94 -28.86 -9.84
N LEU A 503 8.04 -28.32 -9.33
CA LEU A 503 9.08 -27.78 -10.19
C LEU A 503 9.73 -28.85 -11.07
N ASN A 504 9.63 -30.11 -10.69
CA ASN A 504 10.18 -31.22 -11.47
C ASN A 504 9.12 -31.96 -12.27
N LEU A 505 7.91 -31.43 -12.38
CA LEU A 505 6.81 -32.09 -13.05
C LEU A 505 6.24 -31.20 -14.15
N SER A 506 5.87 -31.82 -15.27
CA SER A 506 5.24 -31.13 -16.38
C SER A 506 3.74 -31.40 -16.38
N GLY A 507 3.02 -30.71 -17.26
CA GLY A 507 1.58 -30.84 -17.28
C GLY A 507 1.12 -32.24 -17.67
N GLY A 508 1.71 -32.80 -18.73
CA GLY A 508 1.34 -34.14 -19.15
C GLY A 508 1.72 -35.20 -18.13
N GLN A 509 2.92 -35.08 -17.57
CA GLN A 509 3.34 -36.00 -16.52
C GLN A 509 2.47 -35.85 -15.28
N ARG A 510 2.08 -34.62 -14.95
CA ARG A 510 1.19 -34.41 -13.81
C ARG A 510 -0.17 -35.06 -14.05
N GLN A 511 -0.71 -34.92 -15.26
CA GLN A 511 -1.99 -35.56 -15.58
C GLN A 511 -1.88 -37.07 -15.51
N ARG A 512 -0.77 -37.63 -16.02
CA ARG A 512 -0.56 -39.07 -15.94
C ARG A 512 -0.47 -39.53 -14.49
N ILE A 513 0.23 -38.76 -13.65
CA ILE A 513 0.37 -39.13 -12.24
C ILE A 513 -0.99 -39.09 -11.54
N ALA A 514 -1.79 -38.06 -11.83
CA ALA A 514 -3.12 -37.97 -11.24
C ALA A 514 -3.98 -39.14 -11.69
N ILE A 515 -3.91 -39.50 -12.97
CA ILE A 515 -4.66 -40.65 -13.48
C ILE A 515 -4.23 -41.92 -12.76
N ALA A 516 -2.93 -42.07 -12.53
CA ALA A 516 -2.43 -43.24 -11.81
C ALA A 516 -2.97 -43.27 -10.39
N ARG A 517 -2.92 -42.12 -9.70
CA ARG A 517 -3.41 -42.06 -8.34
C ARG A 517 -4.88 -42.43 -8.26
N ALA A 518 -5.68 -41.96 -9.21
CA ALA A 518 -7.09 -42.28 -9.22
C ALA A 518 -7.31 -43.77 -9.51
N ILE A 519 -6.67 -44.29 -10.55
CA ILE A 519 -6.94 -45.64 -11.01
C ILE A 519 -6.49 -46.67 -9.98
N LEU A 520 -5.39 -46.39 -9.26
CA LEU A 520 -4.87 -47.35 -8.31
C LEU A 520 -5.88 -47.65 -7.19
N LYS A 521 -6.79 -46.71 -6.92
CA LYS A 521 -7.76 -46.92 -5.86
C LYS A 521 -8.70 -48.07 -6.21
N ASN A 522 -8.81 -49.02 -5.28
CA ASN A 522 -9.70 -50.17 -5.45
C ASN A 522 -11.07 -49.92 -4.82
N ALA A 523 -11.69 -48.81 -5.19
CA ALA A 523 -13.01 -48.50 -4.65
C ALA A 523 -14.06 -49.42 -5.26
N PRO A 524 -15.10 -49.77 -4.50
CA PRO A 524 -16.15 -50.62 -5.08
C PRO A 524 -16.81 -50.00 -6.30
N ILE A 525 -17.05 -48.69 -6.29
CA ILE A 525 -17.57 -48.00 -7.46
C ILE A 525 -16.91 -46.63 -7.56
N LEU A 526 -15.98 -46.48 -8.51
CA LEU A 526 -15.31 -45.21 -8.74
C LEU A 526 -16.00 -44.52 -9.92
N ILE A 527 -17.20 -44.02 -9.66
CA ILE A 527 -18.01 -43.38 -10.70
C ILE A 527 -17.44 -41.97 -10.93
N LEU A 528 -17.03 -41.70 -12.16
CA LEU A 528 -16.44 -40.42 -12.53
C LEU A 528 -17.20 -39.84 -13.72
N ASP A 529 -17.45 -38.53 -13.68
CA ASP A 529 -18.04 -37.83 -14.82
C ASP A 529 -16.91 -37.33 -15.71
N GLU A 530 -16.53 -38.18 -16.68
CA GLU A 530 -15.38 -37.93 -17.54
C GLU A 530 -15.80 -37.47 -18.92
N ALA A 531 -16.84 -36.63 -19.01
CA ALA A 531 -17.26 -36.12 -20.31
C ALA A 531 -16.19 -35.26 -20.97
N THR A 532 -15.31 -34.67 -20.17
CA THR A 532 -14.24 -33.82 -20.67
C THR A 532 -12.98 -34.60 -21.05
N SER A 533 -13.11 -35.90 -21.29
CA SER A 533 -11.96 -36.72 -21.66
C SER A 533 -11.44 -36.31 -23.03
N ALA A 534 -10.11 -36.18 -23.14
CA ALA A 534 -9.46 -35.79 -24.38
C ALA A 534 -8.23 -36.65 -24.60
N LEU A 535 -7.85 -36.81 -25.87
CA LEU A 535 -6.68 -37.59 -26.25
C LEU A 535 -5.49 -36.70 -26.63
N ASP A 536 -5.57 -35.40 -26.35
CA ASP A 536 -4.48 -34.48 -26.69
C ASP A 536 -3.28 -34.61 -25.77
N ASN A 537 -3.42 -35.32 -24.65
CA ASN A 537 -2.32 -35.46 -23.72
C ASN A 537 -1.34 -36.53 -24.20
N GLU A 538 -0.14 -36.50 -23.62
CA GLU A 538 0.89 -37.48 -23.97
C GLU A 538 0.50 -38.85 -23.45
N SER A 539 1.00 -39.88 -24.14
CA SER A 539 0.68 -41.27 -23.83
C SER A 539 -0.83 -41.50 -23.84
N GLU A 540 -1.49 -40.86 -24.81
CA GLU A 540 -2.94 -40.94 -24.89
C GLU A 540 -3.40 -42.38 -25.13
N HIS A 541 -2.71 -43.10 -26.00
CA HIS A 541 -3.08 -44.49 -26.27
C HIS A 541 -2.90 -45.36 -25.05
N PHE A 542 -1.75 -45.25 -24.38
CA PHE A 542 -1.49 -46.06 -23.19
C PHE A 542 -2.45 -45.70 -22.06
N ILE A 543 -2.70 -44.40 -21.86
CA ILE A 543 -3.61 -43.97 -20.82
C ILE A 543 -5.02 -44.48 -21.10
N GLN A 544 -5.46 -44.39 -22.36
CA GLN A 544 -6.78 -44.87 -22.73
C GLN A 544 -6.89 -46.38 -22.52
N GLN A 545 -5.84 -47.13 -22.88
CA GLN A 545 -5.86 -48.56 -22.68
C GLN A 545 -5.93 -48.91 -21.20
N ALA A 546 -5.16 -48.21 -20.38
CA ALA A 546 -5.20 -48.45 -18.93
C ALA A 546 -6.58 -48.12 -18.36
N PHE A 547 -7.17 -47.01 -18.81
CA PHE A 547 -8.50 -46.65 -18.35
C PHE A 547 -9.54 -47.69 -18.75
N ASP A 548 -9.46 -48.18 -19.98
CA ASP A 548 -10.39 -49.21 -20.43
C ASP A 548 -10.22 -50.50 -19.64
N GLU A 549 -8.98 -50.87 -19.34
CA GLU A 549 -8.74 -52.06 -18.54
C GLU A 549 -9.30 -51.89 -17.13
N ALA A 550 -9.10 -50.72 -16.53
CA ALA A 550 -9.62 -50.47 -15.19
C ALA A 550 -11.14 -50.37 -15.19
N MET A 551 -11.75 -50.02 -16.32
CA MET A 551 -13.20 -49.91 -16.39
C MET A 551 -13.87 -51.25 -16.16
N GLN A 552 -13.19 -52.35 -16.45
CA GLN A 552 -13.74 -53.68 -16.19
C GLN A 552 -13.88 -53.91 -14.70
N ASP A 553 -14.96 -54.59 -14.32
CA ASP A 553 -15.26 -54.90 -12.92
C ASP A 553 -15.33 -53.63 -12.07
N ARG A 554 -16.00 -52.61 -12.59
CA ARG A 554 -16.15 -51.35 -11.87
C ARG A 554 -17.41 -50.66 -12.37
N THR A 555 -18.43 -50.58 -11.52
CA THR A 555 -19.65 -49.88 -11.89
C THR A 555 -19.43 -48.38 -11.83
N THR A 556 -19.59 -47.71 -12.97
CA THR A 556 -19.33 -46.28 -13.05
C THR A 556 -20.11 -45.70 -14.22
N ILE A 557 -20.52 -44.44 -14.08
CA ILE A 557 -21.24 -43.73 -15.12
C ILE A 557 -20.32 -42.62 -15.62
N VAL A 558 -19.72 -42.84 -16.79
CA VAL A 558 -18.76 -41.92 -17.38
C VAL A 558 -19.13 -41.70 -18.85
N ILE A 559 -19.06 -40.45 -19.29
CA ILE A 559 -19.27 -40.11 -20.70
C ILE A 559 -17.89 -40.21 -21.36
N ALA A 560 -17.56 -41.41 -21.84
CA ALA A 560 -16.24 -41.67 -22.40
C ALA A 560 -16.10 -40.99 -23.76
N HIS A 561 -14.84 -40.76 -24.13
CA HIS A 561 -14.51 -40.14 -25.41
C HIS A 561 -13.97 -41.13 -26.44
N ARG A 562 -13.63 -42.35 -26.04
CA ARG A 562 -13.13 -43.34 -26.97
C ARG A 562 -14.30 -43.93 -27.76
N LEU A 563 -14.12 -44.01 -29.09
CA LEU A 563 -15.18 -44.55 -29.93
C LEU A 563 -15.44 -46.02 -29.62
N SER A 564 -14.38 -46.80 -29.41
CA SER A 564 -14.55 -48.20 -29.04
C SER A 564 -15.24 -48.33 -27.69
N THR A 565 -14.83 -47.50 -26.72
CA THR A 565 -15.48 -47.53 -25.41
C THR A 565 -16.94 -47.11 -25.51
N ILE A 566 -17.23 -46.11 -26.35
CA ILE A 566 -18.61 -45.68 -26.54
C ILE A 566 -19.45 -46.80 -27.14
N GLU A 567 -18.90 -47.51 -28.13
CA GLU A 567 -19.62 -48.61 -28.75
C GLU A 567 -19.70 -49.84 -27.86
N ASN A 568 -18.84 -49.93 -26.86
CA ASN A 568 -18.82 -51.07 -25.95
C ASN A 568 -19.64 -50.85 -24.68
N ALA A 569 -20.40 -49.77 -24.61
CA ALA A 569 -21.20 -49.49 -23.42
C ALA A 569 -22.35 -50.48 -23.30
N ASP A 570 -22.82 -50.65 -22.06
CA ASP A 570 -23.90 -51.60 -21.77
C ASP A 570 -25.27 -50.96 -21.91
N ARG A 571 -25.52 -49.90 -21.14
CA ARG A 571 -26.80 -49.20 -21.15
C ARG A 571 -26.57 -47.71 -21.29
N ILE A 572 -27.38 -47.06 -22.12
CA ILE A 572 -27.26 -45.63 -22.36
C ILE A 572 -28.63 -44.98 -22.25
N VAL A 573 -28.62 -43.69 -21.89
CA VAL A 573 -29.83 -42.89 -21.79
C VAL A 573 -29.59 -41.56 -22.50
N VAL A 574 -30.55 -41.15 -23.32
CA VAL A 574 -30.43 -39.92 -24.08
C VAL A 574 -30.85 -38.76 -23.18
N MET A 575 -29.88 -37.97 -22.72
CA MET A 575 -30.13 -36.85 -21.83
C MET A 575 -30.17 -35.57 -22.65
N ASP A 576 -31.23 -34.79 -22.48
CA ASP A 576 -31.40 -33.53 -23.19
C ASP A 576 -31.66 -32.40 -22.20
N ARG A 577 -31.22 -31.20 -22.58
CA ARG A 577 -31.36 -29.99 -21.76
C ARG A 577 -30.74 -30.17 -20.38
N GLY A 578 -29.61 -30.87 -20.32
CA GLY A 578 -28.90 -31.05 -19.07
C GLY A 578 -29.53 -32.02 -18.10
N GLN A 579 -30.53 -32.80 -18.53
CA GLN A 579 -31.16 -33.78 -17.67
C GLN A 579 -31.51 -34.99 -18.52
N ILE A 580 -31.67 -36.14 -17.85
CA ILE A 580 -32.02 -37.37 -18.55
C ILE A 580 -33.43 -37.22 -19.09
N VAL A 581 -33.55 -37.09 -20.41
CA VAL A 581 -34.83 -36.86 -21.06
C VAL A 581 -35.35 -38.12 -21.74
N GLU A 582 -34.46 -38.93 -22.30
CA GLU A 582 -34.84 -40.16 -22.99
C GLU A 582 -33.87 -41.27 -22.60
N GLN A 583 -34.15 -42.47 -23.08
CA GLN A 583 -33.33 -43.64 -22.81
C GLN A 583 -33.67 -44.71 -23.85
N GLY A 584 -33.18 -45.92 -23.62
CA GLY A 584 -33.43 -47.04 -24.49
C GLY A 584 -32.16 -47.84 -24.70
N THR A 585 -32.22 -48.75 -25.67
CA THR A 585 -31.07 -49.59 -25.99
C THR A 585 -29.95 -48.74 -26.58
N HIS A 586 -28.73 -48.95 -26.08
CA HIS A 586 -27.57 -48.24 -26.61
C HIS A 586 -27.25 -48.64 -28.03
N GLN A 587 -27.59 -49.86 -28.44
CA GLN A 587 -27.33 -50.29 -29.80
C GLN A 587 -28.09 -49.46 -30.82
N GLU A 588 -29.36 -49.15 -30.52
CA GLU A 588 -30.16 -48.34 -31.43
C GLU A 588 -29.57 -46.93 -31.59
N LEU A 589 -29.16 -46.32 -30.47
CA LEU A 589 -28.56 -45.00 -30.54
C LEU A 589 -27.24 -45.03 -31.29
N LEU A 590 -26.43 -46.07 -31.07
CA LEU A 590 -25.16 -46.18 -31.78
C LEU A 590 -25.37 -46.37 -33.28
N ALA A 591 -26.36 -47.17 -33.66
CA ALA A 591 -26.61 -47.46 -35.06
C ALA A 591 -27.41 -46.36 -35.76
N LYS A 592 -28.01 -45.43 -35.02
CA LYS A 592 -28.73 -44.33 -35.65
C LYS A 592 -27.81 -43.47 -36.49
N HIS A 593 -26.65 -43.10 -35.93
CA HIS A 593 -25.64 -42.32 -36.64
C HIS A 593 -26.21 -41.04 -37.24
N GLY A 594 -27.21 -40.45 -36.59
CA GLY A 594 -27.87 -39.27 -37.10
C GLY A 594 -27.53 -38.01 -36.35
N ALA A 595 -28.56 -37.20 -36.05
CA ALA A 595 -28.34 -35.95 -35.34
C ALA A 595 -27.78 -36.19 -33.94
N TYR A 596 -28.29 -37.22 -33.25
CA TYR A 596 -27.81 -37.50 -31.89
C TYR A 596 -26.33 -37.88 -31.90
N TYR A 597 -25.92 -38.75 -32.82
CA TYR A 597 -24.52 -39.14 -32.89
C TYR A 597 -23.62 -37.97 -33.25
N GLN A 598 -24.06 -37.14 -34.21
CA GLN A 598 -23.27 -35.98 -34.59
C GLN A 598 -23.12 -35.00 -33.43
N LEU A 599 -24.21 -34.76 -32.69
CA LEU A 599 -24.13 -33.87 -31.53
C LEU A 599 -23.23 -34.45 -30.45
N HIS A 600 -23.30 -35.76 -30.22
CA HIS A 600 -22.48 -36.37 -29.19
C HIS A 600 -21.00 -36.34 -29.56
N GLN A 601 -20.68 -36.56 -30.83
CA GLN A 601 -19.28 -36.66 -31.26
C GLN A 601 -18.66 -35.30 -31.53
N ARG A 602 -19.23 -34.55 -32.49
CA ARG A 602 -18.65 -33.26 -32.88
C ARG A 602 -18.89 -32.17 -31.85
N ASN A 603 -19.76 -32.40 -30.87
CA ASN A 603 -20.11 -31.40 -29.86
C ASN A 603 -20.60 -30.11 -30.50
N PHE A 604 -21.42 -30.25 -31.55
CA PHE A 604 -21.95 -29.12 -32.30
C PHE A 604 -20.85 -28.23 -32.85
N ASP B 36 26.56 18.84 -1.56
CA ASP B 36 25.39 18.07 -1.14
C ASP B 36 24.19 18.98 -0.93
N PHE B 37 24.36 19.98 -0.07
CA PHE B 37 23.31 20.92 0.26
C PHE B 37 23.42 22.23 -0.50
N LYS B 38 23.87 22.18 -1.76
CA LYS B 38 23.98 23.40 -2.55
C LYS B 38 22.61 24.02 -2.82
N VAL B 39 21.66 23.21 -3.28
CA VAL B 39 20.31 23.72 -3.53
C VAL B 39 19.65 24.15 -2.23
N TYR B 40 19.92 23.43 -1.14
CA TYR B 40 19.40 23.84 0.16
C TYR B 40 19.95 25.20 0.56
N LEU B 41 21.24 25.43 0.33
CA LEU B 41 21.82 26.72 0.63
C LEU B 41 21.24 27.81 -0.26
N ARG B 42 20.96 27.48 -1.52
CA ARG B 42 20.34 28.44 -2.42
C ARG B 42 18.95 28.85 -1.93
N LEU B 43 18.17 27.86 -1.51
CA LEU B 43 16.86 28.15 -0.95
C LEU B 43 16.98 28.95 0.34
N ILE B 44 17.99 28.66 1.15
CA ILE B 44 18.20 29.42 2.38
C ILE B 44 18.56 30.86 2.06
N SER B 45 19.38 31.07 1.03
CA SER B 45 19.70 32.42 0.60
C SER B 45 18.46 33.15 0.11
N TYR B 46 17.60 32.44 -0.62
CA TYR B 46 16.32 33.02 -1.03
C TYR B 46 15.46 33.41 0.16
N LEU B 47 15.37 32.53 1.16
CA LEU B 47 14.58 32.78 2.36
C LEU B 47 15.34 33.63 3.36
N LYS B 48 16.50 34.14 2.97
CA LYS B 48 17.11 35.21 3.73
C LYS B 48 16.17 36.40 3.68
N PRO B 49 15.37 36.52 2.62
CA PRO B 49 14.21 37.42 2.69
C PRO B 49 13.24 37.03 3.79
N TYR B 50 13.12 35.74 4.11
CA TYR B 50 12.38 35.26 5.26
C TYR B 50 13.27 35.11 6.48
N TRP B 51 14.29 35.97 6.60
CA TRP B 51 15.16 35.95 7.76
C TRP B 51 14.37 36.17 9.03
N GLY B 52 13.39 37.06 8.98
CA GLY B 52 12.52 37.28 10.11
C GLY B 52 11.76 36.03 10.50
N VAL B 53 11.23 35.33 9.51
CA VAL B 53 10.51 34.07 9.77
C VAL B 53 11.45 33.06 10.41
N ALA B 54 12.67 32.95 9.87
CA ALA B 54 13.64 32.00 10.41
C ALA B 54 14.00 32.35 11.84
N LEU B 55 14.20 33.63 12.12
CA LEU B 55 14.53 34.06 13.48
C LEU B 55 13.39 33.76 14.43
N LEU B 56 12.15 33.99 13.98
CA LEU B 56 11.00 33.66 14.80
C LEU B 56 10.96 32.17 15.09
N VAL B 57 11.25 31.35 14.08
CA VAL B 57 11.23 29.89 14.27
C VAL B 57 12.29 29.47 15.28
N LEU B 58 13.50 30.03 15.14
CA LEU B 58 14.56 29.70 16.08
C LEU B 58 14.20 30.16 17.49
N ILE B 59 13.59 31.34 17.60
CA ILE B 59 13.16 31.85 18.90
C ILE B 59 12.13 30.91 19.51
N GLY B 60 11.20 30.42 18.70
CA GLY B 60 10.20 29.51 19.23
C GLY B 60 10.78 28.19 19.69
N PHE B 61 11.69 27.61 18.89
CA PHE B 61 12.33 26.37 19.31
C PHE B 61 13.12 26.58 20.60
N GLY B 62 13.86 27.68 20.69
CA GLY B 62 14.58 27.98 21.91
C GLY B 62 13.66 28.19 23.09
N MET B 63 12.51 28.81 22.86
CA MET B 63 11.54 28.99 23.94
C MET B 63 11.00 27.65 24.41
N ASN B 64 10.75 26.73 23.47
CA ASN B 64 10.31 25.40 23.86
C ASN B 64 11.36 24.70 24.71
N SER B 65 12.63 24.80 24.29
CA SER B 65 13.70 24.20 25.09
C SER B 65 13.81 24.85 26.46
N ALA B 66 13.68 26.17 26.51
CA ALA B 66 13.74 26.87 27.78
C ALA B 66 12.58 26.44 28.68
N THR B 67 11.41 26.22 28.10
CA THR B 67 10.28 25.71 28.88
C THR B 67 10.56 24.32 29.41
N GLU B 68 11.15 23.47 28.58
CA GLU B 68 11.50 22.12 29.03
C GLU B 68 12.49 22.18 30.19
N VAL B 69 13.46 23.08 30.12
CA VAL B 69 14.39 23.27 31.23
C VAL B 69 13.66 23.77 32.46
N SER B 70 12.79 24.77 32.27
CA SER B 70 12.04 25.33 33.37
C SER B 70 11.16 24.27 34.04
N VAL B 71 10.81 23.22 33.30
CA VAL B 71 10.06 22.12 33.91
C VAL B 71 10.81 21.60 35.12
N ALA B 72 12.03 21.10 34.91
CA ALA B 72 12.84 20.60 36.01
C ALA B 72 13.18 21.73 36.97
N LYS B 73 13.38 22.93 36.45
CA LYS B 73 13.69 24.06 37.32
C LYS B 73 12.62 24.25 38.38
N LEU B 74 11.39 24.51 37.95
CA LEU B 74 10.27 24.67 38.86
C LEU B 74 10.04 23.42 39.69
N ILE B 75 10.32 22.25 39.10
CA ILE B 75 10.21 21.00 39.85
C ILE B 75 11.10 21.06 41.08
N LYS B 76 12.30 21.63 40.94
CA LYS B 76 13.16 21.84 42.10
C LYS B 76 12.48 22.75 43.12
N PHE B 77 11.76 23.76 42.64
CA PHE B 77 11.09 24.69 43.54
C PHE B 77 10.01 24.00 44.35
N ILE B 78 9.48 22.89 43.83
CA ILE B 78 8.39 22.20 44.52
C ILE B 78 8.83 21.75 45.90
N ILE B 79 10.02 21.16 45.99
CA ILE B 79 10.51 20.67 47.28
C ILE B 79 10.72 21.83 48.25
N ASP B 80 11.02 23.02 47.73
CA ASP B 80 11.24 24.20 48.55
C ASP B 80 10.01 24.48 49.40
N ALA B 81 8.82 24.24 48.83
CA ALA B 81 7.60 24.38 49.61
C ALA B 81 7.68 23.52 50.87
N ILE B 82 8.21 22.31 50.75
CA ILE B 82 8.41 21.49 51.93
C ILE B 82 9.77 21.83 52.51
N GLN B 83 9.83 22.98 53.20
CA GLN B 83 10.93 23.35 54.07
C GLN B 83 10.40 24.37 55.06
N ASN B 84 10.07 23.91 56.27
CA ASN B 84 9.27 24.65 57.25
C ASN B 84 8.41 25.74 56.61
N ALA B 85 8.68 27.00 56.94
CA ALA B 85 7.91 28.11 56.41
C ALA B 85 8.28 28.42 54.97
N SER B 86 7.41 28.06 54.03
CA SER B 86 7.59 28.39 52.62
C SER B 86 6.27 28.80 52.00
N ARG B 87 5.24 28.90 52.84
CA ARG B 87 3.83 28.96 52.43
C ARG B 87 3.56 29.95 51.30
N ALA B 88 4.38 31.00 51.18
CA ALA B 88 4.13 32.03 50.18
C ALA B 88 4.12 31.44 48.77
N ASP B 89 5.12 30.62 48.44
CA ASP B 89 5.19 30.07 47.10
C ASP B 89 4.22 28.91 46.89
N LEU B 90 3.66 28.36 47.98
CA LEU B 90 2.82 27.17 47.86
C LEU B 90 1.60 27.43 47.00
N ASP B 91 0.92 28.56 47.21
CA ASP B 91 -0.27 28.90 46.44
C ASP B 91 0.07 29.12 44.97
N TRP B 92 1.11 29.92 44.71
CA TRP B 92 1.47 30.23 43.34
C TRP B 92 1.92 28.99 42.58
N PHE B 93 2.47 28.01 43.31
CA PHE B 93 2.98 26.78 42.70
C PHE B 93 1.95 26.20 41.74
N PRO B 94 0.69 26.08 42.16
CA PRO B 94 -0.35 25.70 41.22
C PRO B 94 -0.37 26.61 40.00
N LEU B 95 -0.53 27.91 40.25
CA LEU B 95 -0.52 28.87 39.15
C LEU B 95 0.81 28.84 38.42
N LEU B 96 1.89 28.52 39.14
CA LEU B 96 3.19 28.42 38.50
C LEU B 96 3.18 27.35 37.43
N ILE B 97 2.77 26.13 37.80
CA ILE B 97 2.73 25.03 36.84
C ILE B 97 1.75 25.34 35.72
N ILE B 98 0.63 25.98 36.07
CA ILE B 98 -0.39 26.28 35.07
C ILE B 98 0.17 27.23 34.01
N LEU B 99 0.64 28.39 34.45
CA LEU B 99 1.17 29.37 33.51
C LEU B 99 2.40 28.84 32.80
N LEU B 100 3.17 27.97 33.44
CA LEU B 100 4.31 27.37 32.77
C LEU B 100 3.86 26.51 31.60
N VAL B 101 2.89 25.64 31.84
CA VAL B 101 2.34 24.83 30.75
C VAL B 101 1.76 25.73 29.67
N PHE B 102 1.12 26.82 30.07
CA PHE B 102 0.56 27.75 29.11
C PHE B 102 1.64 28.35 28.22
N PHE B 103 2.71 28.84 28.84
CA PHE B 103 3.80 29.42 28.08
C PHE B 103 4.45 28.39 27.17
N ARG B 104 4.62 27.16 27.67
CA ARG B 104 5.22 26.11 26.86
C ARG B 104 4.36 25.83 25.64
N GLY B 105 3.05 25.72 25.84
CA GLY B 105 2.16 25.52 24.72
C GLY B 105 2.21 26.67 23.73
N LEU B 106 2.23 27.89 24.24
CA LEU B 106 2.31 29.05 23.36
C LEU B 106 3.56 29.00 22.49
N GLY B 107 4.71 28.78 23.13
CA GLY B 107 5.95 28.73 22.37
C GLY B 107 5.98 27.59 21.37
N LEU B 108 5.55 26.40 21.79
CA LEU B 108 5.54 25.27 20.88
C LEU B 108 4.61 25.53 19.70
N PHE B 109 3.44 26.11 19.97
CA PHE B 109 2.50 26.42 18.90
C PHE B 109 3.12 27.41 17.92
N MET B 110 3.70 28.50 18.42
CA MET B 110 4.29 29.48 17.54
C MET B 110 5.42 28.89 16.71
N GLY B 111 6.26 28.08 17.36
CA GLY B 111 7.37 27.48 16.65
C GLY B 111 6.92 26.54 15.55
N GLY B 112 6.02 25.62 15.88
CA GLY B 112 5.49 24.73 14.86
C GLY B 112 4.82 25.49 13.74
N TYR B 113 4.07 26.54 14.08
CA TYR B 113 3.37 27.32 13.07
C TYR B 113 4.34 27.97 12.11
N TYR B 114 5.24 28.80 12.61
CA TYR B 114 6.18 29.48 11.74
C TYR B 114 7.07 28.49 11.00
N THR B 115 7.40 27.37 11.63
CA THR B 115 8.23 26.37 10.98
C THR B 115 7.53 25.77 9.78
N ALA B 116 6.28 25.33 9.96
CA ALA B 116 5.53 24.79 8.84
C ALA B 116 5.30 25.87 7.79
N VAL B 117 5.15 27.11 8.22
CA VAL B 117 5.01 28.21 7.26
C VAL B 117 6.24 28.30 6.40
N ILE B 118 7.42 28.26 7.03
CA ILE B 118 8.68 28.31 6.29
C ILE B 118 8.80 27.11 5.37
N SER B 119 8.37 25.95 5.86
CA SER B 119 8.42 24.73 5.04
C SER B 119 7.57 24.90 3.79
N ARG B 120 6.35 25.37 3.95
CA ARG B 120 5.47 25.57 2.80
C ARG B 120 6.05 26.61 1.87
N SER B 121 6.62 27.68 2.41
CA SER B 121 7.23 28.70 1.56
C SER B 121 8.39 28.11 0.77
N LEU B 122 9.19 27.26 1.40
CA LEU B 122 10.28 26.60 0.71
C LEU B 122 9.76 25.69 -0.38
N VAL B 123 8.69 24.95 -0.09
CA VAL B 123 8.07 24.10 -1.10
C VAL B 123 7.64 24.92 -2.29
N PHE B 124 7.00 26.06 -2.03
CA PHE B 124 6.52 26.91 -3.10
C PHE B 124 7.67 27.46 -3.94
N SER B 125 8.71 27.97 -3.29
CA SER B 125 9.84 28.52 -4.03
C SER B 125 10.54 27.45 -4.84
N ILE B 126 10.75 26.27 -4.24
CA ILE B 126 11.37 25.17 -4.95
C ILE B 126 10.51 24.79 -6.16
N ARG B 127 9.20 24.74 -5.97
CA ARG B 127 8.31 24.41 -7.09
C ARG B 127 8.41 25.46 -8.19
N GLN B 128 8.49 26.73 -7.80
CA GLN B 128 8.58 27.80 -8.79
C GLN B 128 9.86 27.67 -9.62
N GLU B 129 10.98 27.47 -8.94
CA GLU B 129 12.24 27.28 -9.65
C GLU B 129 12.19 26.02 -10.51
N VAL B 130 11.55 24.97 -10.00
CA VAL B 130 11.44 23.71 -10.75
C VAL B 130 10.66 23.93 -12.03
N TYR B 131 9.54 24.65 -11.94
CA TYR B 131 8.77 24.97 -13.13
C TYR B 131 9.60 25.81 -14.10
N ALA B 132 10.30 26.81 -13.58
CA ALA B 132 11.13 27.65 -14.44
C ALA B 132 12.13 26.80 -15.22
N LYS B 133 12.78 25.86 -14.53
CA LYS B 133 13.68 24.95 -15.23
C LYS B 133 12.92 24.08 -16.21
N LEU B 134 11.73 23.61 -15.82
CA LEU B 134 10.89 22.83 -16.72
C LEU B 134 10.52 23.63 -17.95
N LEU B 135 10.27 24.93 -17.76
CA LEU B 135 10.15 25.82 -18.91
C LEU B 135 11.47 25.88 -19.65
N ARG B 136 11.39 25.91 -20.98
CA ARG B 136 12.57 25.95 -21.84
C ARG B 136 13.50 24.75 -21.58
N LEU B 137 12.90 23.58 -21.36
CA LEU B 137 13.66 22.38 -21.07
C LEU B 137 14.10 21.69 -22.35
N PRO B 138 14.83 20.58 -22.25
CA PRO B 138 15.30 19.89 -23.46
C PRO B 138 14.33 18.82 -23.94
N ALA B 139 14.49 18.45 -25.21
CA ALA B 139 13.62 17.45 -25.81
C ALA B 139 13.73 16.11 -25.09
N GLN B 140 14.95 15.69 -24.79
CA GLN B 140 15.16 14.35 -24.22
C GLN B 140 14.48 14.19 -22.87
N TYR B 141 13.96 15.27 -22.27
CA TYR B 141 13.20 15.13 -21.04
C TYR B 141 12.01 14.19 -21.26
N TYR B 142 11.09 14.59 -22.12
CA TYR B 142 9.92 13.76 -22.42
C TYR B 142 10.20 12.77 -23.55
N LEU B 143 10.98 13.17 -24.54
CA LEU B 143 11.27 12.30 -25.67
C LEU B 143 11.98 11.03 -25.22
N ASP B 144 12.95 11.16 -24.32
CA ASP B 144 13.69 9.98 -23.87
C ASP B 144 13.06 9.34 -22.64
N ASN B 145 12.63 10.14 -21.68
CA ASN B 145 12.14 9.62 -20.41
C ASN B 145 10.70 10.07 -20.16
N SER B 146 10.07 9.43 -19.18
CA SER B 146 8.74 9.81 -18.73
C SER B 146 8.88 11.00 -17.78
N SER B 147 9.30 12.12 -18.35
CA SER B 147 9.63 13.29 -17.54
C SER B 147 8.39 13.86 -16.85
N GLY B 148 7.32 14.10 -17.59
CA GLY B 148 6.25 14.91 -17.05
C GLY B 148 5.60 14.39 -15.79
N HIS B 149 4.81 13.33 -15.90
CA HIS B 149 4.08 12.85 -14.73
C HIS B 149 5.01 12.28 -13.67
N ILE B 150 5.93 11.41 -14.10
CA ILE B 150 6.80 10.72 -13.14
C ILE B 150 7.71 11.72 -12.45
N THR B 151 8.35 12.60 -13.22
CA THR B 151 9.26 13.58 -12.63
C THR B 151 8.51 14.61 -11.80
N ALA B 152 7.27 14.96 -12.16
CA ALA B 152 6.50 15.87 -11.33
C ALA B 152 6.17 15.22 -9.99
N LYS B 153 5.74 13.96 -10.03
CA LYS B 153 5.46 13.26 -8.78
C LYS B 153 6.71 13.09 -7.95
N ILE B 154 7.86 12.87 -8.61
CA ILE B 154 9.13 12.80 -7.89
C ILE B 154 9.45 14.14 -7.26
N MET B 155 9.22 15.22 -7.99
CA MET B 155 9.43 16.55 -7.44
C MET B 155 8.57 16.78 -6.22
N TYR B 156 7.31 16.36 -6.28
CA TYR B 156 6.41 16.57 -5.15
C TYR B 156 6.82 15.70 -3.96
N ASN B 157 7.13 14.43 -4.22
CA ASN B 157 7.59 13.55 -3.16
C ASN B 157 8.83 14.11 -2.50
N VAL B 158 9.78 14.59 -3.31
CA VAL B 158 11.00 15.17 -2.78
C VAL B 158 10.69 16.46 -2.04
N GLU B 159 9.71 17.22 -2.51
CA GLU B 159 9.34 18.44 -1.81
C GLU B 159 8.84 18.12 -0.41
N GLN B 160 7.88 17.20 -0.32
CA GLN B 160 7.39 16.79 0.99
C GLN B 160 8.51 16.20 1.83
N LEU B 161 9.41 15.45 1.20
CA LEU B 161 10.51 14.84 1.91
C LEU B 161 11.43 15.89 2.50
N THR B 162 11.89 16.83 1.69
CA THR B 162 12.75 17.90 2.17
C THR B 162 12.02 18.77 3.18
N ALA B 163 10.70 18.89 3.06
CA ALA B 163 9.93 19.60 4.08
C ALA B 163 10.02 18.89 5.42
N ALA B 164 9.72 17.58 5.42
CA ALA B 164 9.85 16.81 6.65
C ALA B 164 11.29 16.79 7.12
N SER B 165 12.24 16.92 6.19
CA SER B 165 13.65 16.95 6.56
C SER B 165 13.98 18.23 7.32
N SER B 166 13.53 19.37 6.78
CA SER B 166 13.65 20.61 7.53
C SER B 166 12.92 20.53 8.86
N GLU B 167 11.81 19.80 8.90
CA GLU B 167 11.08 19.65 10.16
C GLU B 167 11.88 18.86 11.17
N SER B 168 12.46 17.74 10.75
CA SER B 168 13.34 16.99 11.63
C SER B 168 14.56 17.81 12.00
N LEU B 169 15.00 18.68 11.09
CA LEU B 169 16.08 19.60 11.41
C LEU B 169 15.67 20.55 12.53
N LYS B 170 14.44 21.04 12.46
CA LYS B 170 13.93 21.89 13.54
C LYS B 170 13.84 21.13 14.84
N THR B 171 13.39 19.87 14.78
CA THR B 171 13.39 19.03 15.97
C THR B 171 14.79 18.84 16.50
N ILE B 172 15.76 18.71 15.59
CA ILE B 172 17.16 18.60 15.97
C ILE B 172 17.64 19.88 16.64
N VAL B 173 17.18 21.03 16.15
CA VAL B 173 17.51 22.30 16.77
C VAL B 173 16.92 22.36 18.17
N ARG B 174 15.68 21.88 18.32
CA ARG B 174 15.06 21.81 19.64
C ARG B 174 15.90 20.94 20.57
N ASP B 175 16.30 19.77 20.09
CA ASP B 175 17.11 18.86 20.89
C ASP B 175 18.47 19.47 21.22
N GLY B 176 19.06 20.18 20.28
CA GLY B 176 20.34 20.82 20.54
C GLY B 176 20.24 21.92 21.57
N MET B 177 19.20 22.75 21.46
CA MET B 177 18.95 23.74 22.50
C MET B 177 18.68 23.07 23.84
N ILE B 178 18.02 21.91 23.81
CA ILE B 178 17.77 21.17 25.04
C ILE B 178 19.07 20.69 25.64
N THR B 179 19.97 20.17 24.81
CA THR B 179 21.28 19.75 25.29
C THR B 179 22.05 20.94 25.84
N LEU B 180 21.92 22.09 25.16
CA LEU B 180 22.54 23.31 25.66
C LEU B 180 22.03 23.65 27.04
N GLY B 181 20.72 23.56 27.24
CA GLY B 181 20.16 23.82 28.55
C GLY B 181 20.62 22.82 29.59
N LEU B 182 20.72 21.55 29.21
CA LEU B 182 21.20 20.53 30.12
C LEU B 182 22.64 20.84 30.56
N LEU B 183 23.49 21.17 29.59
CA LEU B 183 24.88 21.50 29.91
C LEU B 183 24.97 22.77 30.74
N GLY B 184 24.09 23.73 30.48
CA GLY B 184 24.07 24.96 31.25
C GLY B 184 23.69 24.73 32.69
N TYR B 185 22.62 23.97 32.92
CA TYR B 185 22.22 23.62 34.28
C TYR B 185 23.32 22.81 34.95
N LEU B 186 23.97 21.94 34.20
CA LEU B 186 25.07 21.14 34.70
C LEU B 186 26.22 22.03 35.18
N PHE B 187 26.57 23.02 34.37
CA PHE B 187 27.64 23.95 34.74
C PHE B 187 27.23 24.78 35.96
N TYR B 188 25.97 25.20 36.00
CA TYR B 188 25.49 25.97 37.14
C TYR B 188 25.54 25.15 38.42
N THR B 189 25.27 23.84 38.33
CA THR B 189 25.24 23.01 39.52
C THR B 189 26.64 22.59 39.95
N ASN B 190 27.33 21.82 39.12
CA ASN B 190 28.65 21.30 39.49
C ASN B 190 29.42 21.00 38.19
N TRP B 191 30.42 21.83 37.90
CA TRP B 191 31.17 21.73 36.65
C TRP B 191 31.89 20.39 36.52
N ARG B 192 32.66 20.00 37.54
CA ARG B 192 33.43 18.77 37.46
C ARG B 192 32.53 17.54 37.44
N LEU B 193 31.49 17.55 38.27
CA LEU B 193 30.52 16.46 38.26
C LEU B 193 29.86 16.33 36.90
N THR B 194 29.49 17.46 36.30
CA THR B 194 28.90 17.44 34.97
C THR B 194 29.90 16.92 33.94
N ILE B 195 31.17 17.27 34.10
CA ILE B 195 32.19 16.77 33.18
C ILE B 195 32.26 15.26 33.24
N CYS B 196 32.30 14.71 34.46
CA CYS B 196 32.29 13.27 34.62
C CYS B 196 31.03 12.66 34.03
N ILE B 197 29.90 13.34 34.22
CA ILE B 197 28.63 12.83 33.70
C ILE B 197 28.67 12.77 32.18
N MET B 198 29.10 13.84 31.53
CA MET B 198 29.23 13.82 30.08
C MET B 198 30.20 12.75 29.64
N VAL B 199 31.26 12.53 30.42
CA VAL B 199 32.26 11.52 30.11
C VAL B 199 31.61 10.16 30.05
N PHE B 200 30.87 9.81 31.09
CA PHE B 200 30.19 8.53 31.15
C PHE B 200 28.99 8.46 30.22
N LEU B 201 28.55 9.60 29.68
CA LEU B 201 27.35 9.67 28.86
C LEU B 201 27.65 9.45 27.38
N PRO B 202 26.62 9.54 26.52
CA PRO B 202 26.80 9.47 25.06
C PRO B 202 27.47 8.20 24.54
N ILE B 203 28.53 7.73 25.19
CA ILE B 203 29.22 6.53 24.72
C ILE B 203 28.31 5.32 24.85
N ILE B 204 27.76 5.11 26.05
CA ILE B 204 26.82 4.02 26.25
C ILE B 204 25.57 4.22 25.41
N GLY B 205 25.22 5.48 25.14
CA GLY B 205 24.05 5.73 24.30
C GLY B 205 24.27 5.27 22.86
N ILE B 206 25.44 5.56 22.30
CA ILE B 206 25.74 5.10 20.96
C ILE B 206 25.89 3.58 20.93
N LEU B 207 26.45 3.00 22.00
CA LEU B 207 26.51 1.56 22.11
C LEU B 207 25.10 0.96 22.10
N VAL B 208 24.17 1.60 22.80
CA VAL B 208 22.79 1.15 22.82
C VAL B 208 22.16 1.29 21.44
N ARG B 209 22.48 2.38 20.74
CA ARG B 209 21.98 2.55 19.38
C ARG B 209 22.44 1.41 18.48
N LYS B 210 23.72 1.07 18.54
CA LYS B 210 24.24 -0.04 17.75
C LYS B 210 23.62 -1.37 18.16
N ALA B 211 23.45 -1.57 19.47
CA ALA B 211 22.82 -2.79 19.95
C ALA B 211 21.38 -2.90 19.45
N SER B 212 20.66 -1.78 19.45
CA SER B 212 19.29 -1.78 18.95
C SER B 212 19.25 -2.08 17.46
N LYS B 213 20.17 -1.52 16.70
CA LYS B 213 20.22 -1.82 15.26
C LYS B 213 20.46 -3.31 15.02
N ARG B 214 21.44 -3.88 15.74
CA ARG B 214 21.73 -5.30 15.58
C ARG B 214 20.55 -6.16 16.00
N MET B 215 19.90 -5.77 17.10
CA MET B 215 18.74 -6.52 17.57
C MET B 215 17.60 -6.45 16.56
N ARG B 216 17.40 -5.29 15.95
CA ARG B 216 16.36 -5.18 14.92
C ARG B 216 16.69 -6.05 13.73
N LYS B 217 17.96 -6.09 13.32
CA LYS B 217 18.35 -6.97 12.22
C LYS B 217 18.12 -8.43 12.56
N LEU B 218 18.48 -8.83 13.78
CA LEU B 218 18.24 -10.22 14.19
C LEU B 218 16.75 -10.52 14.25
N SER B 219 15.95 -9.57 14.72
CA SER B 219 14.51 -9.74 14.75
C SER B 219 13.96 -9.92 13.35
N MET B 220 14.44 -9.13 12.39
CA MET B 220 14.01 -9.28 11.01
C MET B 220 14.40 -10.65 10.46
N GLN B 221 15.62 -11.10 10.76
CA GLN B 221 16.07 -12.41 10.27
C GLN B 221 15.20 -13.53 10.82
N VAL B 222 14.93 -13.51 12.13
CA VAL B 222 14.13 -14.57 12.74
C VAL B 222 12.68 -14.49 12.26
N GLN B 223 12.17 -13.27 12.08
CA GLN B 223 10.81 -13.09 11.58
C GLN B 223 10.67 -13.65 10.17
N ASP B 224 11.68 -13.42 9.32
CA ASP B 224 11.65 -14.01 7.99
C ASP B 224 11.76 -15.54 8.06
N THR B 225 12.59 -16.05 8.98
CA THR B 225 12.74 -17.49 9.12
C THR B 225 11.42 -18.14 9.50
N MET B 226 10.67 -17.51 10.39
CA MET B 226 9.35 -18.04 10.75
C MET B 226 8.31 -17.78 9.66
N GLY B 227 8.38 -16.61 9.01
CA GLY B 227 7.37 -16.21 8.05
C GLY B 227 7.43 -16.97 6.74
N ASP B 228 8.58 -17.52 6.39
CA ASP B 228 8.63 -18.41 5.23
C ASP B 228 7.69 -19.59 5.42
N VAL B 229 7.82 -20.29 6.55
CA VAL B 229 6.92 -21.40 6.86
C VAL B 229 5.50 -20.90 7.07
N ASN B 230 5.36 -19.70 7.65
CA ASN B 230 4.03 -19.15 7.87
C ASN B 230 3.28 -18.95 6.55
N HIS B 231 3.93 -18.34 5.57
CA HIS B 231 3.31 -18.16 4.26
C HIS B 231 3.09 -19.49 3.56
N VAL B 232 4.04 -20.42 3.70
CA VAL B 232 3.87 -21.74 3.08
C VAL B 232 2.62 -22.42 3.60
N VAL B 233 2.41 -22.37 4.92
CA VAL B 233 1.20 -22.96 5.50
C VAL B 233 -0.03 -22.18 5.08
N GLN B 234 0.02 -20.85 5.13
CA GLN B 234 -1.11 -20.02 4.76
C GLN B 234 -1.40 -20.04 3.27
N GLU B 235 -0.63 -20.79 2.48
CA GLU B 235 -0.86 -20.90 1.05
C GLU B 235 -1.08 -22.34 0.59
N SER B 236 -1.51 -23.23 1.49
CA SER B 236 -1.68 -24.64 1.17
C SER B 236 -2.97 -25.18 1.79
N ILE B 237 -4.07 -24.45 1.63
CA ILE B 237 -5.33 -24.83 2.25
C ILE B 237 -6.37 -25.31 1.25
N ASN B 238 -6.06 -25.30 -0.04
CA ASN B 238 -7.02 -25.68 -1.07
C ASN B 238 -7.21 -27.20 -1.08
N GLY B 239 -7.93 -27.69 -2.08
CA GLY B 239 -8.11 -29.13 -2.23
C GLY B 239 -9.40 -29.66 -1.65
N ASN B 240 -10.53 -29.08 -2.06
CA ASN B 240 -11.82 -29.57 -1.59
C ASN B 240 -12.09 -30.99 -2.09
N ALA B 241 -11.69 -31.29 -3.33
CA ALA B 241 -11.89 -32.63 -3.86
C ALA B 241 -11.13 -33.67 -3.05
N VAL B 242 -9.96 -33.31 -2.53
CA VAL B 242 -9.20 -34.22 -1.69
C VAL B 242 -10.01 -34.58 -0.44
N VAL B 243 -10.67 -33.59 0.15
CA VAL B 243 -11.53 -33.87 1.30
C VAL B 243 -12.70 -34.73 0.88
N LYS B 244 -13.30 -34.42 -0.28
CA LYS B 244 -14.39 -35.25 -0.79
C LYS B 244 -13.97 -36.69 -0.93
N SER B 245 -12.69 -36.94 -1.20
CA SER B 245 -12.21 -38.31 -1.31
C SER B 245 -11.93 -38.93 0.06
N PHE B 246 -10.96 -38.36 0.80
CA PHE B 246 -10.50 -38.95 2.05
C PHE B 246 -10.69 -38.05 3.26
N ALA B 247 -10.18 -36.81 3.21
CA ALA B 247 -10.28 -35.84 4.31
C ALA B 247 -9.66 -36.38 5.59
N GLY B 248 -8.35 -36.62 5.55
CA GLY B 248 -7.65 -37.11 6.72
C GLY B 248 -6.46 -36.27 7.13
N GLU B 249 -6.22 -35.15 6.45
CA GLU B 249 -5.01 -34.35 6.63
C GLU B 249 -5.04 -33.49 7.88
N GLU B 250 -5.97 -33.74 8.80
CA GLU B 250 -6.03 -32.95 10.03
C GLU B 250 -4.71 -33.00 10.79
N SER B 251 -4.15 -34.20 10.95
CA SER B 251 -2.86 -34.32 11.62
C SER B 251 -1.75 -33.67 10.81
N GLU B 252 -1.87 -33.67 9.48
CA GLU B 252 -0.88 -32.99 8.64
C GLU B 252 -0.86 -31.50 8.94
N GLN B 253 -2.05 -30.89 9.01
CA GLN B 253 -2.14 -29.49 9.39
C GLN B 253 -1.61 -29.26 10.80
N GLU B 254 -1.92 -30.18 11.71
CA GLU B 254 -1.41 -30.07 13.08
C GLU B 254 0.11 -30.05 13.10
N ARG B 255 0.74 -30.91 12.30
CA ARG B 255 2.20 -30.97 12.30
C ARG B 255 2.82 -29.75 11.63
N PHE B 256 2.26 -29.32 10.50
CA PHE B 256 2.76 -28.10 9.86
C PHE B 256 2.66 -26.92 10.81
N TYR B 257 1.52 -26.79 11.48
CA TYR B 257 1.34 -25.73 12.46
C TYR B 257 2.29 -25.90 13.64
N LYS B 258 2.63 -27.13 14.00
CA LYS B 258 3.57 -27.35 15.10
C LYS B 258 4.95 -26.80 14.75
N SER B 259 5.44 -27.12 13.56
CA SER B 259 6.73 -26.56 13.14
C SER B 259 6.66 -25.05 13.04
N SER B 260 5.58 -24.53 12.45
CA SER B 260 5.39 -23.09 12.36
C SER B 260 5.39 -22.48 13.76
N GLU B 261 4.77 -23.15 14.72
CA GLU B 261 4.70 -22.64 16.08
C GLU B 261 6.06 -22.68 16.76
N GLU B 262 6.89 -23.67 16.44
CA GLU B 262 8.25 -23.67 16.95
C GLU B 262 9.00 -22.44 16.46
N ASN B 263 8.91 -22.17 15.16
CA ASN B 263 9.54 -20.97 14.62
C ASN B 263 8.95 -19.71 15.25
N LEU B 264 7.65 -19.73 15.51
CA LEU B 264 6.97 -18.59 16.13
C LEU B 264 7.44 -18.36 17.55
N LYS B 265 7.64 -19.44 18.31
CA LYS B 265 8.17 -19.31 19.65
C LYS B 265 9.57 -18.71 19.61
N ARG B 266 10.39 -19.16 18.65
CA ARG B 266 11.70 -18.55 18.47
C ARG B 266 11.59 -17.06 18.23
N GLY B 267 10.75 -16.66 17.28
CA GLY B 267 10.60 -15.25 16.97
C GLY B 267 10.06 -14.44 18.13
N LEU B 268 9.10 -15.01 18.87
CA LEU B 268 8.53 -14.31 20.01
C LEU B 268 9.57 -14.11 21.11
N LYS B 269 10.37 -15.14 21.39
CA LYS B 269 11.44 -14.98 22.35
C LYS B 269 12.42 -13.91 21.87
N MET B 270 12.68 -13.86 20.57
CA MET B 270 13.56 -12.82 20.04
C MET B 270 12.96 -11.43 20.26
N VAL B 271 11.65 -11.29 20.04
CA VAL B 271 11.01 -10.00 20.24
C VAL B 271 11.05 -9.59 21.71
N ILE B 272 10.83 -10.56 22.60
CA ILE B 272 10.93 -10.27 24.03
C ILE B 272 12.34 -9.85 24.38
N VAL B 273 13.34 -10.47 23.75
CA VAL B 273 14.72 -10.09 23.98
C VAL B 273 14.96 -8.67 23.49
N GLN B 274 14.36 -8.32 22.36
CA GLN B 274 14.47 -6.94 21.86
C GLN B 274 13.89 -5.97 22.88
N ASN B 275 12.75 -6.31 23.46
CA ASN B 275 12.17 -5.47 24.51
C ASN B 275 13.11 -5.37 25.70
N LEU B 276 13.71 -6.49 26.10
CA LEU B 276 14.65 -6.50 27.22
C LEU B 276 15.93 -5.75 26.91
N ASN B 277 16.25 -5.55 25.64
CA ASN B 277 17.46 -4.83 25.27
C ASN B 277 17.49 -3.42 25.86
N SER B 278 16.35 -2.73 25.88
CA SER B 278 16.29 -1.44 26.56
C SER B 278 16.76 -1.52 28.01
N PRO B 279 16.61 -2.64 28.72
CA PRO B 279 17.20 -2.73 30.05
C PRO B 279 18.72 -2.60 30.04
N VAL B 280 19.37 -2.81 28.91
CA VAL B 280 20.78 -2.50 28.81
C VAL B 280 21.00 -1.00 28.93
N VAL B 281 20.18 -0.21 28.24
CA VAL B 281 20.26 1.25 28.39
C VAL B 281 19.88 1.64 29.81
N GLN B 282 18.97 0.91 30.42
CA GLN B 282 18.65 1.12 31.82
C GLN B 282 19.89 0.87 32.68
N VAL B 283 20.63 -0.19 32.39
CA VAL B 283 21.87 -0.48 33.11
C VAL B 283 22.87 0.64 32.89
N VAL B 284 22.87 1.24 31.70
CA VAL B 284 23.75 2.36 31.42
C VAL B 284 23.39 3.55 32.31
N MET B 285 22.11 3.91 32.32
CA MET B 285 21.65 4.97 33.21
C MET B 285 21.92 4.60 34.67
N ALA B 286 21.94 3.31 34.97
CA ALA B 286 22.26 2.85 36.31
C ALA B 286 23.71 3.13 36.65
N CYS B 287 24.60 2.89 35.68
CA CYS B 287 26.00 3.26 35.87
C CYS B 287 26.14 4.78 36.04
N ALA B 288 25.31 5.54 35.32
CA ALA B 288 25.31 6.98 35.51
C ALA B 288 24.91 7.35 36.94
N MET B 289 23.85 6.72 37.42
CA MET B 289 23.44 6.89 38.80
C MET B 289 24.52 6.42 39.77
N ALA B 290 25.28 5.40 39.40
CA ALA B 290 26.41 4.96 40.22
C ALA B 290 27.49 6.02 40.28
N LEU B 291 27.73 6.70 39.16
CA LEU B 291 28.63 7.84 39.17
C LEU B 291 28.10 8.94 40.08
N ILE B 292 26.79 9.17 40.04
CA ILE B 292 26.17 10.13 40.95
C ILE B 292 26.39 9.71 42.38
N VAL B 293 26.23 8.41 42.66
CA VAL B 293 26.37 7.88 44.01
C VAL B 293 27.82 8.00 44.47
N TRP B 294 28.76 7.83 43.54
CA TRP B 294 30.17 7.99 43.89
C TRP B 294 30.50 9.45 44.18
N LEU B 295 29.93 10.38 43.41
CA LEU B 295 30.06 11.79 43.72
C LEU B 295 29.51 12.07 45.12
N ALA B 296 28.38 11.46 45.45
CA ALA B 296 27.85 11.54 46.80
C ALA B 296 28.78 10.91 47.82
N LEU B 297 29.50 9.85 47.45
CA LEU B 297 30.48 9.25 48.35
C LEU B 297 31.61 10.21 48.65
N ARG B 298 31.98 11.04 47.68
CA ARG B 298 32.78 12.20 47.99
C ARG B 298 31.99 13.10 48.92
N PRO B 299 32.52 13.46 50.08
CA PRO B 299 31.75 14.30 51.01
C PRO B 299 31.43 15.67 50.42
N GLN B 300 32.15 16.03 49.36
CA GLN B 300 31.94 17.30 48.68
C GLN B 300 30.49 17.46 48.24
N ILE B 301 29.87 16.38 47.76
CA ILE B 301 28.45 16.43 47.41
C ILE B 301 27.60 16.61 48.66
N LEU B 302 27.97 15.95 49.75
CA LEU B 302 27.23 16.08 51.00
C LEU B 302 27.22 17.52 51.48
N GLY B 303 28.39 18.16 51.54
CA GLY B 303 28.43 19.58 51.84
C GLY B 303 27.66 20.39 50.83
N ASN B 304 27.75 20.00 49.56
CA ASN B 304 26.90 20.60 48.53
C ASN B 304 25.44 20.33 48.83
N THR B 305 25.11 19.10 49.20
CA THR B 305 23.75 18.69 49.52
C THR B 305 22.78 19.14 48.44
N THR B 306 22.98 18.56 47.25
CA THR B 306 22.20 18.96 46.08
C THR B 306 20.71 18.81 46.35
N ALA B 307 20.31 17.68 46.95
CA ALA B 307 18.92 17.47 47.36
C ALA B 307 17.94 17.67 46.20
N GLY B 308 17.01 18.61 46.35
CA GLY B 308 16.10 18.91 45.27
C GLY B 308 16.82 19.26 43.98
N GLU B 309 17.99 19.89 44.10
CA GLU B 309 18.80 20.16 42.92
C GLU B 309 19.24 18.85 42.27
N PHE B 310 19.63 17.85 43.07
CA PHE B 310 19.98 16.56 42.51
C PHE B 310 18.78 15.92 41.82
N VAL B 311 17.62 16.03 42.46
CA VAL B 311 16.39 15.52 41.84
C VAL B 311 16.18 16.17 40.49
N ALA B 312 16.38 17.48 40.44
CA ALA B 312 16.22 18.23 39.19
C ALA B 312 17.23 17.76 38.16
N TYR B 313 18.47 17.52 38.60
CA TYR B 313 19.52 17.10 37.68
C TYR B 313 19.16 15.75 37.05
N ILE B 314 18.75 14.80 37.88
CA ILE B 314 18.36 13.49 37.36
C ILE B 314 17.18 13.62 36.42
N THR B 315 16.19 14.43 36.82
CA THR B 315 15.02 14.64 35.99
C THR B 315 15.41 15.19 34.63
N ALA B 316 16.31 16.17 34.61
CA ALA B 316 16.73 16.77 33.36
C ALA B 316 17.50 15.77 32.51
N ALA B 317 18.40 15.01 33.13
CA ALA B 317 19.09 13.95 32.42
C ALA B 317 18.11 13.04 31.72
N GLY B 318 17.02 12.70 32.42
CA GLY B 318 15.95 11.95 31.77
C GLY B 318 15.34 12.72 30.61
N LEU B 319 15.02 14.00 30.84
CA LEU B 319 14.49 14.83 29.78
C LEU B 319 15.45 14.87 28.60
N LEU B 320 16.75 14.92 28.88
CA LEU B 320 17.75 14.86 27.83
C LEU B 320 17.61 13.61 26.98
N SER B 321 17.18 12.50 27.59
CA SER B 321 17.09 11.25 26.85
C SER B 321 16.12 11.38 25.68
N LYS B 322 14.94 11.95 25.91
CA LYS B 322 14.01 12.19 24.83
C LYS B 322 14.63 12.98 23.70
N PRO B 323 15.45 14.00 23.97
CA PRO B 323 16.05 14.77 22.88
C PRO B 323 16.88 13.92 21.94
N VAL B 324 17.89 13.23 22.47
CA VAL B 324 18.74 12.42 21.61
C VAL B 324 17.93 11.29 20.97
N LYS B 325 16.97 10.74 21.73
CA LYS B 325 16.11 9.69 21.20
C LYS B 325 15.42 10.15 19.93
N ASN B 326 14.81 11.34 19.98
CA ASN B 326 14.21 11.90 18.77
C ASN B 326 15.27 12.19 17.72
N LEU B 327 16.43 12.70 18.16
CA LEU B 327 17.45 13.15 17.22
C LEU B 327 18.01 12.01 16.39
N THR B 328 17.98 10.78 16.90
CA THR B 328 18.52 9.66 16.14
C THR B 328 17.81 9.51 14.80
N ASP B 329 16.49 9.63 14.80
CA ASP B 329 15.72 9.51 13.56
C ASP B 329 16.03 10.62 12.57
N VAL B 330 16.65 11.72 13.03
CA VAL B 330 16.87 12.87 12.15
C VAL B 330 17.69 12.45 10.94
N ASN B 331 18.81 11.78 11.17
CA ASN B 331 19.63 11.32 10.04
C ASN B 331 18.89 10.29 9.20
N GLU B 332 18.10 9.44 9.85
CA GLU B 332 17.35 8.42 9.12
C GLU B 332 16.44 9.04 8.07
N LYS B 333 15.47 9.84 8.52
CA LYS B 333 14.59 10.50 7.57
C LYS B 333 15.35 11.47 6.68
N LEU B 334 16.47 12.01 7.17
CA LEU B 334 17.28 12.91 6.36
C LEU B 334 17.79 12.19 5.13
N GLN B 335 18.35 11.00 5.31
CA GLN B 335 18.78 10.19 4.18
C GLN B 335 17.59 9.76 3.34
N ARG B 336 16.48 9.40 3.99
CA ARG B 336 15.29 8.97 3.25
C ARG B 336 14.85 10.05 2.27
N GLY B 337 14.92 11.30 2.67
CA GLY B 337 14.53 12.40 1.81
C GLY B 337 15.62 12.78 0.81
N LEU B 338 16.88 12.78 1.27
CA LEU B 338 17.97 13.07 0.36
C LEU B 338 18.01 12.09 -0.80
N ALA B 339 17.53 10.86 -0.58
CA ALA B 339 17.49 9.86 -1.63
C ALA B 339 16.78 10.39 -2.88
N ALA B 340 15.80 11.26 -2.70
CA ALA B 340 15.17 11.93 -3.83
C ALA B 340 15.71 13.32 -4.06
N ALA B 341 16.09 14.02 -2.98
CA ALA B 341 16.54 15.41 -3.10
C ALA B 341 17.78 15.54 -3.96
N HIS B 342 18.69 14.57 -3.91
CA HIS B 342 19.90 14.65 -4.72
C HIS B 342 19.55 14.68 -6.21
N SER B 343 18.76 13.69 -6.66
CA SER B 343 18.32 13.68 -8.04
C SER B 343 17.46 14.90 -8.36
N VAL B 344 16.74 15.41 -7.36
CA VAL B 344 15.90 16.58 -7.58
C VAL B 344 16.76 17.78 -7.93
N PHE B 345 17.76 18.08 -7.09
CA PHE B 345 18.66 19.19 -7.38
C PHE B 345 19.43 18.95 -8.66
N GLU B 346 19.73 17.69 -8.98
CA GLU B 346 20.42 17.39 -10.23
C GLU B 346 19.56 17.79 -11.42
N LEU B 347 18.32 17.32 -11.46
CA LEU B 347 17.41 17.71 -12.52
C LEU B 347 17.20 19.22 -12.54
N LEU B 348 17.23 19.85 -11.36
CA LEU B 348 17.14 21.31 -11.31
C LEU B 348 18.32 21.94 -12.03
N ASP B 349 19.51 21.40 -11.83
CA ASP B 349 20.72 21.88 -12.49
C ASP B 349 21.08 21.04 -13.71
N LEU B 350 20.10 20.35 -14.29
CA LEU B 350 20.34 19.46 -15.41
C LEU B 350 20.81 20.24 -16.63
N PRO B 351 21.17 19.55 -17.72
CA PRO B 351 21.70 20.26 -18.90
C PRO B 351 20.78 21.38 -19.37
N GLU B 352 21.25 22.61 -19.26
CA GLU B 352 20.45 23.76 -19.62
C GLU B 352 20.41 23.91 -21.14
N GLU B 353 19.24 24.31 -21.65
CA GLU B 353 19.06 24.59 -23.07
C GLU B 353 19.69 25.96 -23.35
N GLN B 354 20.93 25.94 -23.84
CA GLN B 354 21.67 27.16 -24.08
C GLN B 354 20.98 27.98 -25.16
N ASN B 355 20.34 29.09 -24.76
CA ASN B 355 19.62 29.94 -25.69
C ASN B 355 20.59 30.90 -26.37
N SER B 356 21.47 30.32 -27.18
CA SER B 356 22.46 31.10 -27.94
C SER B 356 21.77 31.63 -29.18
N GLY B 357 21.24 32.86 -29.08
CA GLY B 357 20.50 33.43 -30.18
C GLY B 357 20.62 34.93 -30.25
N GLU B 358 20.43 35.45 -31.45
CA GLU B 358 20.45 36.89 -31.70
C GLU B 358 19.09 37.49 -31.32
N LEU B 359 18.85 38.72 -31.74
CA LEU B 359 17.57 39.40 -31.51
C LEU B 359 17.08 39.92 -32.86
N LYS B 360 16.36 39.07 -33.59
CA LYS B 360 15.78 39.41 -34.88
C LYS B 360 14.26 39.49 -34.76
N PRO B 361 13.64 40.64 -35.05
CA PRO B 361 12.20 40.78 -34.85
C PRO B 361 11.38 39.87 -35.76
N GLN B 362 11.64 39.92 -37.07
CA GLN B 362 10.86 39.14 -38.01
C GLN B 362 11.66 38.95 -39.29
N LEU B 363 11.23 38.00 -40.12
CA LEU B 363 11.88 37.68 -41.37
C LEU B 363 10.84 37.66 -42.50
N GLN B 364 11.33 37.46 -43.72
CA GLN B 364 10.46 37.43 -44.90
C GLN B 364 10.00 36.02 -45.25
N GLY B 365 10.84 35.02 -44.98
CA GLY B 365 10.48 33.65 -45.32
C GLY B 365 11.58 32.89 -46.03
N ALA B 366 12.78 33.47 -46.08
CA ALA B 366 13.92 32.84 -46.72
C ALA B 366 14.60 31.94 -45.69
N ILE B 367 14.14 30.69 -45.64
CA ILE B 367 14.64 29.70 -44.69
C ILE B 367 15.24 28.55 -45.47
N ARG B 368 16.46 28.15 -45.09
CA ARG B 368 17.16 27.04 -45.75
C ARG B 368 17.97 26.29 -44.70
N PHE B 369 17.55 25.08 -44.39
CA PHE B 369 18.27 24.21 -43.48
C PHE B 369 19.04 23.18 -44.30
N ASP B 370 20.35 23.11 -44.08
CA ASP B 370 21.24 22.31 -44.92
C ASP B 370 21.92 21.23 -44.12
N HIS B 371 21.95 20.02 -44.69
CA HIS B 371 22.75 18.91 -44.17
C HIS B 371 22.41 18.60 -42.71
N VAL B 372 21.14 18.27 -42.46
CA VAL B 372 20.70 17.86 -41.14
C VAL B 372 21.11 16.39 -40.98
N VAL B 373 22.17 16.16 -40.22
CA VAL B 373 22.69 14.81 -39.99
C VAL B 373 22.43 14.48 -38.53
N LEU B 374 21.29 13.85 -38.26
CA LEU B 374 20.94 13.46 -36.90
C LEU B 374 19.88 12.38 -36.96
N ASN B 375 19.73 11.67 -35.84
CA ASN B 375 18.73 10.63 -35.69
C ASN B 375 18.34 10.58 -34.22
N TYR B 376 17.71 9.48 -33.80
CA TYR B 376 17.39 9.30 -32.40
C TYR B 376 18.63 9.46 -31.55
N ALA B 377 18.50 10.25 -30.48
CA ALA B 377 19.65 10.58 -29.65
C ALA B 377 20.25 9.33 -29.01
N ASP B 378 21.55 9.40 -28.71
CA ASP B 378 22.30 8.27 -28.20
C ASP B 378 22.25 7.08 -29.17
N GLY B 379 22.32 7.40 -30.46
CA GLY B 379 22.27 6.38 -31.50
C GLY B 379 23.05 6.76 -32.73
N THR B 380 22.87 6.01 -33.81
CA THR B 380 23.58 6.25 -35.06
C THR B 380 22.89 7.40 -35.81
N GLN B 381 23.28 7.59 -37.07
CA GLN B 381 22.71 8.64 -37.90
C GLN B 381 21.81 7.98 -38.96
N ALA B 382 20.54 8.37 -38.97
CA ALA B 382 19.56 7.88 -39.94
C ALA B 382 19.06 8.98 -40.86
N ILE B 383 18.59 10.09 -40.31
CA ILE B 383 18.23 11.26 -41.13
C ILE B 383 19.52 12.07 -41.26
N LYS B 384 20.34 11.67 -42.23
CA LYS B 384 21.64 12.26 -42.45
C LYS B 384 21.60 13.18 -43.65
N ASP B 385 22.17 14.37 -43.51
CA ASP B 385 22.22 15.36 -44.57
C ASP B 385 20.81 15.68 -45.07
N PHE B 386 19.87 15.82 -44.14
CA PHE B 386 18.49 16.14 -44.46
C PHE B 386 18.40 17.64 -44.74
N SER B 387 18.95 18.05 -45.88
CA SER B 387 18.96 19.44 -46.29
C SER B 387 17.58 19.84 -46.80
N LEU B 388 17.21 21.09 -46.51
CA LEU B 388 15.92 21.64 -46.94
C LEU B 388 16.11 23.12 -47.21
N ASP B 389 16.29 23.47 -48.48
CA ASP B 389 16.44 24.86 -48.91
C ASP B 389 15.15 25.31 -49.61
N ILE B 390 14.61 26.44 -49.17
CA ILE B 390 13.33 26.94 -49.66
C ILE B 390 13.52 28.37 -50.15
N ARG B 391 12.86 28.70 -51.25
CA ARG B 391 12.90 30.05 -51.77
C ARG B 391 12.17 31.01 -50.83
N PRO B 392 12.56 32.28 -50.80
CA PRO B 392 11.91 33.23 -49.89
C PRO B 392 10.45 33.43 -50.23
N GLY B 393 9.65 33.61 -49.19
CA GLY B 393 8.22 33.93 -49.36
C GLY B 393 7.30 32.81 -49.76
N GLU B 394 7.66 32.04 -50.78
CA GLU B 394 6.78 31.01 -51.32
C GLU B 394 6.57 29.89 -50.31
N THR B 395 5.42 29.23 -50.45
CA THR B 395 5.06 28.10 -49.60
C THR B 395 5.15 26.81 -50.41
N VAL B 396 5.85 25.81 -49.88
CA VAL B 396 6.05 24.54 -50.54
C VAL B 396 5.69 23.41 -49.60
N ALA B 397 5.50 22.22 -50.17
CA ALA B 397 5.12 21.03 -49.42
C ALA B 397 6.03 19.88 -49.78
N LEU B 398 6.14 18.92 -48.88
CA LEU B 398 6.96 17.73 -49.08
C LEU B 398 6.12 16.48 -48.82
N VAL B 399 6.39 15.42 -49.58
CA VAL B 399 5.66 14.17 -49.47
C VAL B 399 6.67 13.02 -49.45
N GLY B 400 6.21 11.87 -48.98
CA GLY B 400 7.06 10.70 -48.92
C GLY B 400 6.47 9.65 -47.98
N ARG B 401 7.36 8.86 -47.39
CA ARG B 401 6.95 7.81 -46.47
C ARG B 401 6.30 8.41 -45.23
N SER B 402 5.22 7.77 -44.78
CA SER B 402 4.50 8.28 -43.62
C SER B 402 5.35 8.24 -42.36
N GLY B 403 6.11 7.18 -42.17
CA GLY B 403 6.94 7.00 -40.98
C GLY B 403 8.39 7.31 -41.26
N ALA B 404 9.28 6.42 -40.77
CA ALA B 404 10.72 6.55 -40.94
C ALA B 404 11.23 7.89 -40.38
N GLY B 405 10.71 8.26 -39.22
CA GLY B 405 11.16 9.48 -38.56
C GLY B 405 10.58 10.76 -39.11
N LYS B 406 9.36 10.73 -39.66
CA LYS B 406 8.73 11.96 -40.11
C LYS B 406 8.46 12.91 -38.95
N THR B 407 7.91 12.37 -37.85
CA THR B 407 7.71 13.18 -36.66
C THR B 407 9.04 13.68 -36.11
N SER B 408 10.10 12.88 -36.25
CA SER B 408 11.43 13.34 -35.88
C SER B 408 11.85 14.55 -36.71
N LEU B 409 11.57 14.50 -38.02
CA LEU B 409 11.87 15.64 -38.87
C LEU B 409 11.07 16.86 -38.44
N VAL B 410 9.80 16.65 -38.07
CA VAL B 410 8.97 17.76 -37.58
C VAL B 410 9.59 18.38 -36.33
N ASN B 411 9.99 17.53 -35.38
CA ASN B 411 10.60 18.03 -34.15
C ASN B 411 11.90 18.77 -34.45
N MET B 412 12.66 18.29 -35.43
CA MET B 412 13.86 19.00 -35.86
C MET B 412 13.50 20.39 -36.36
N LEU B 413 12.46 20.48 -37.19
CA LEU B 413 11.95 21.79 -37.58
C LEU B 413 11.51 22.60 -36.38
N VAL B 414 11.07 21.92 -35.31
CA VAL B 414 10.64 22.58 -34.09
C VAL B 414 11.88 22.87 -33.25
N ARG B 415 13.05 22.65 -33.85
CA ARG B 415 14.33 22.87 -33.18
C ARG B 415 14.50 21.97 -31.96
N PHE B 416 13.88 20.79 -32.00
CA PHE B 416 14.18 19.79 -30.97
C PHE B 416 15.61 19.28 -31.11
N GLN B 417 16.18 19.39 -32.31
CA GLN B 417 17.57 19.04 -32.55
C GLN B 417 18.19 20.12 -33.44
N GLU B 418 19.39 19.88 -33.96
CA GLU B 418 20.06 20.84 -34.82
C GLU B 418 20.72 20.11 -35.97
N VAL B 419 20.90 20.82 -37.07
CA VAL B 419 21.59 20.26 -38.24
C VAL B 419 23.07 20.15 -37.90
N SER B 420 23.53 18.93 -37.66
CA SER B 420 24.93 18.73 -37.26
C SER B 420 25.89 19.16 -38.36
N SER B 421 25.43 19.22 -39.61
CA SER B 421 26.24 19.66 -40.73
C SER B 421 25.51 20.77 -41.47
N GLY B 422 26.16 21.29 -42.51
CA GLY B 422 25.54 22.30 -43.35
C GLY B 422 25.50 23.67 -42.68
N GLN B 423 24.84 24.60 -43.38
CA GLN B 423 24.69 25.97 -42.91
C GLN B 423 23.22 26.32 -42.91
N ILE B 424 22.62 26.39 -41.72
CA ILE B 424 21.20 26.72 -41.58
C ILE B 424 21.12 28.25 -41.52
N TYR B 425 21.03 28.86 -42.70
CA TYR B 425 20.98 30.31 -42.83
C TYR B 425 19.52 30.75 -42.93
N LEU B 426 19.09 31.61 -42.02
CA LEU B 426 17.73 32.12 -42.00
C LEU B 426 17.76 33.64 -41.87
N ASP B 427 16.96 34.31 -42.69
CA ASP B 427 16.88 35.78 -42.72
C ASP B 427 18.26 36.39 -42.96
N ASP B 428 18.98 35.84 -43.94
CA ASP B 428 20.33 36.28 -44.30
C ASP B 428 21.29 36.20 -43.11
N LEU B 429 21.09 35.20 -42.24
CA LEU B 429 21.92 35.01 -41.07
C LEU B 429 21.75 33.58 -40.57
N PRO B 430 22.56 33.14 -39.61
CA PRO B 430 22.46 31.75 -39.15
C PRO B 430 21.13 31.49 -38.46
N ILE B 431 20.83 30.19 -38.31
CA ILE B 431 19.60 29.78 -37.62
C ILE B 431 19.58 30.34 -36.21
N ARG B 432 20.69 30.22 -35.49
CA ARG B 432 20.77 30.80 -34.15
C ARG B 432 20.69 32.32 -34.20
N ASP B 433 21.07 32.93 -35.32
CA ASP B 433 21.07 34.39 -35.45
C ASP B 433 19.64 34.91 -35.64
N ILE B 434 18.84 34.76 -34.60
CA ILE B 434 17.46 35.20 -34.59
C ILE B 434 16.98 35.29 -33.16
N GLU B 435 15.95 36.09 -32.92
CA GLU B 435 15.39 36.21 -31.59
C GLU B 435 14.67 34.93 -31.18
N LEU B 436 14.78 34.58 -29.91
CA LEU B 436 14.07 33.40 -29.40
C LEU B 436 12.57 33.59 -29.47
N SER B 437 12.09 34.79 -29.14
CA SER B 437 10.65 35.04 -29.16
C SER B 437 10.08 34.90 -30.56
N SER B 438 10.78 35.44 -31.57
CA SER B 438 10.27 35.37 -32.94
C SER B 438 10.12 33.94 -33.40
N LEU B 439 11.10 33.10 -33.11
CA LEU B 439 10.96 31.67 -33.39
C LEU B 439 9.78 31.09 -32.62
N ARG B 440 9.67 31.42 -31.34
CA ARG B 440 8.52 30.98 -30.56
C ARG B 440 7.23 31.56 -31.12
N THR B 441 7.26 32.81 -31.57
CA THR B 441 6.06 33.42 -32.15
C THR B 441 5.64 32.69 -33.42
N GLN B 442 6.60 32.36 -34.28
CA GLN B 442 6.28 31.62 -35.49
C GLN B 442 5.97 30.16 -35.22
N ILE B 443 6.17 29.69 -33.99
CA ILE B 443 5.97 28.27 -33.69
C ILE B 443 4.49 27.94 -33.73
N ALA B 444 4.14 26.90 -34.50
CA ALA B 444 2.77 26.45 -34.63
C ALA B 444 2.77 25.06 -35.24
N MET B 445 1.66 24.35 -35.05
CA MET B 445 1.52 23.00 -35.58
C MET B 445 0.05 22.60 -35.51
N VAL B 446 -0.37 21.79 -36.48
CA VAL B 446 -1.72 21.26 -36.53
C VAL B 446 -1.57 19.75 -36.73
N ASN B 447 -1.48 19.02 -35.64
CA ASN B 447 -1.33 17.57 -35.66
C ASN B 447 -1.96 17.01 -34.39
N GLN B 448 -1.62 15.77 -34.05
CA GLN B 448 -2.07 15.20 -32.79
C GLN B 448 -1.54 15.98 -31.60
N GLN B 449 -0.49 16.78 -31.80
CA GLN B 449 0.07 17.63 -30.74
C GLN B 449 -0.86 18.81 -30.53
N VAL B 450 -1.92 18.57 -29.77
CA VAL B 450 -2.91 19.58 -29.42
C VAL B 450 -2.92 19.71 -27.90
N VAL B 451 -2.77 20.95 -27.42
CA VAL B 451 -2.72 21.20 -25.98
C VAL B 451 -4.02 21.84 -25.53
N LEU B 452 -4.96 21.01 -25.09
CA LEU B 452 -6.24 21.51 -24.59
C LEU B 452 -6.09 21.98 -23.16
N PHE B 453 -6.22 23.29 -22.96
CA PHE B 453 -6.09 23.90 -21.64
C PHE B 453 -7.49 24.04 -21.05
N ASN B 454 -7.69 23.46 -19.87
CA ASN B 454 -8.99 23.47 -19.20
C ASN B 454 -9.24 24.86 -18.64
N ARG B 455 -9.61 25.77 -19.54
CA ARG B 455 -9.80 27.17 -19.19
C ARG B 455 -10.90 27.75 -20.09
N THR B 456 -10.97 29.08 -20.14
CA THR B 456 -12.00 29.73 -20.94
C THR B 456 -11.79 29.47 -22.42
N VAL B 457 -12.90 29.40 -23.16
CA VAL B 457 -12.81 29.29 -24.62
C VAL B 457 -12.03 30.47 -25.19
N ARG B 458 -12.29 31.68 -24.67
CA ARG B 458 -11.48 32.83 -25.05
C ARG B 458 -10.03 32.64 -24.61
N GLU B 459 -9.82 32.06 -23.43
CA GLU B 459 -8.46 31.79 -22.97
C GLU B 459 -7.75 30.81 -23.90
N ASN B 460 -8.45 29.75 -24.32
CA ASN B 460 -7.86 28.78 -25.22
C ASN B 460 -7.72 29.31 -26.64
N ILE B 461 -8.45 30.38 -26.98
CA ILE B 461 -8.39 30.91 -28.34
C ILE B 461 -7.04 31.58 -28.60
N ALA B 462 -6.52 32.33 -27.64
CA ALA B 462 -5.27 33.08 -27.80
C ALA B 462 -4.17 32.34 -27.04
N TYR B 463 -3.42 31.52 -27.78
CA TYR B 463 -2.34 30.74 -27.15
C TYR B 463 -1.23 31.65 -26.62
N GLY B 464 -0.88 32.69 -27.37
CA GLY B 464 0.16 33.62 -26.97
C GLY B 464 -0.37 35.03 -26.84
N GLN B 465 0.04 35.71 -25.77
CA GLN B 465 -0.36 37.10 -25.51
C GLN B 465 -1.87 37.25 -25.49
N LEU B 466 -2.52 36.40 -24.70
CA LEU B 466 -3.98 36.45 -24.58
C LEU B 466 -4.46 37.77 -23.99
N HIS B 467 -3.73 38.30 -23.00
CA HIS B 467 -4.11 39.56 -22.39
C HIS B 467 -3.92 40.76 -23.31
N ASN B 468 -3.24 40.58 -24.44
CA ASN B 468 -3.04 41.63 -25.42
C ASN B 468 -3.85 41.38 -26.69
N ALA B 469 -5.03 40.76 -26.55
CA ALA B 469 -5.88 40.42 -27.67
C ALA B 469 -7.21 41.14 -27.55
N SER B 470 -7.69 41.69 -28.66
CA SER B 470 -8.95 42.42 -28.69
C SER B 470 -10.13 41.46 -28.74
N ASP B 471 -11.27 41.94 -28.24
CA ASP B 471 -12.48 41.14 -28.23
C ASP B 471 -13.11 41.04 -29.62
N GLU B 472 -12.98 42.09 -30.43
CA GLU B 472 -13.49 42.03 -31.80
C GLU B 472 -12.74 40.97 -32.60
N ASP B 473 -11.42 40.90 -32.44
CA ASP B 473 -10.65 39.84 -33.07
C ASP B 473 -11.04 38.47 -32.53
N VAL B 474 -11.39 38.39 -31.24
CA VAL B 474 -11.85 37.13 -30.66
C VAL B 474 -13.15 36.68 -31.33
N ILE B 475 -14.09 37.61 -31.52
CA ILE B 475 -15.35 37.27 -32.17
C ILE B 475 -15.10 36.87 -33.62
N ALA B 476 -14.19 37.57 -34.30
CA ALA B 476 -13.87 37.22 -35.68
C ALA B 476 -13.28 35.81 -35.77
N ALA B 477 -12.38 35.47 -34.85
CA ALA B 477 -11.82 34.13 -34.82
C ALA B 477 -12.88 33.08 -34.51
N ALA B 478 -13.78 33.39 -33.58
CA ALA B 478 -14.88 32.47 -33.27
C ALA B 478 -15.75 32.23 -34.50
N LYS B 479 -15.97 33.27 -35.29
CA LYS B 479 -16.63 33.07 -36.58
C LYS B 479 -15.78 32.19 -37.50
N ALA B 480 -14.47 32.39 -37.49
CA ALA B 480 -13.55 31.57 -38.28
C ALA B 480 -13.34 30.19 -37.70
N ALA B 481 -13.93 29.87 -36.55
CA ALA B 481 -13.71 28.59 -35.90
C ALA B 481 -14.23 27.41 -36.70
N TYR B 482 -15.08 27.64 -37.69
CA TYR B 482 -15.67 26.57 -38.50
C TYR B 482 -16.55 25.66 -37.66
N ALA B 483 -16.69 25.96 -36.37
CA ALA B 483 -17.61 25.25 -35.48
C ALA B 483 -18.32 26.21 -34.55
N HIS B 484 -18.56 27.45 -34.99
CA HIS B 484 -19.15 28.46 -34.11
C HIS B 484 -20.55 28.05 -33.66
N ASP B 485 -21.34 27.45 -34.56
CA ASP B 485 -22.67 27.02 -34.18
C ASP B 485 -22.65 25.77 -33.30
N PHE B 486 -21.53 25.05 -33.26
CA PHE B 486 -21.41 23.81 -32.49
C PHE B 486 -20.45 23.93 -31.32
N ILE B 487 -19.20 24.32 -31.59
CA ILE B 487 -18.20 24.40 -30.50
C ILE B 487 -18.61 25.46 -29.49
N MET B 488 -19.04 26.62 -29.97
CA MET B 488 -19.47 27.70 -29.08
C MET B 488 -20.86 27.45 -28.49
N ASN B 489 -21.57 26.41 -28.96
CA ASN B 489 -22.88 26.07 -28.43
C ASN B 489 -22.72 25.40 -27.06
N LEU B 490 -22.28 26.21 -26.10
CA LEU B 490 -22.07 25.75 -24.74
C LEU B 490 -22.29 26.92 -23.79
N PRO B 491 -22.20 26.70 -22.47
CA PRO B 491 -22.41 27.80 -21.53
C PRO B 491 -21.36 28.89 -21.73
N ASN B 492 -21.79 30.14 -21.53
CA ASN B 492 -20.98 31.35 -21.57
C ASN B 492 -20.49 31.71 -22.97
N GLY B 493 -20.77 30.89 -23.98
CA GLY B 493 -20.40 31.20 -25.35
C GLY B 493 -18.92 31.47 -25.54
N TYR B 494 -18.58 32.72 -25.88
CA TYR B 494 -17.18 33.09 -26.07
C TYR B 494 -16.38 33.00 -24.78
N ASP B 495 -17.04 33.02 -23.62
CA ASP B 495 -16.39 32.87 -22.33
C ASP B 495 -16.57 31.48 -21.75
N THR B 496 -16.75 30.47 -22.61
CA THR B 496 -16.99 29.10 -22.16
C THR B 496 -15.73 28.54 -21.51
N VAL B 497 -15.72 28.47 -20.19
CA VAL B 497 -14.62 27.87 -19.46
C VAL B 497 -14.72 26.36 -19.60
N LEU B 498 -13.64 25.72 -20.04
CA LEU B 498 -13.63 24.26 -20.12
C LEU B 498 -13.86 23.69 -18.72
N GLY B 499 -14.80 22.75 -18.63
CA GLY B 499 -15.21 22.23 -17.34
C GLY B 499 -14.24 21.23 -16.74
N ALA B 500 -14.77 20.24 -16.03
CA ALA B 500 -13.94 19.22 -15.40
C ALA B 500 -13.36 18.34 -16.48
N GLN B 501 -12.09 18.59 -16.83
CA GLN B 501 -11.42 17.89 -17.93
C GLN B 501 -12.23 17.97 -19.22
N GLY B 502 -12.77 19.17 -19.50
CA GLY B 502 -13.61 19.36 -20.66
C GLY B 502 -14.89 18.56 -20.60
N LEU B 503 -15.56 18.60 -19.43
CA LEU B 503 -16.79 17.84 -19.26
C LEU B 503 -17.90 18.28 -20.20
N ASN B 504 -17.83 19.50 -20.72
CA ASN B 504 -18.83 20.02 -21.64
C ASN B 504 -18.36 20.00 -23.09
N LEU B 505 -17.25 19.32 -23.38
CA LEU B 505 -16.67 19.29 -24.72
C LEU B 505 -16.53 17.85 -25.20
N SER B 506 -16.80 17.65 -26.49
CA SER B 506 -16.64 16.35 -27.14
C SER B 506 -15.35 16.34 -27.96
N GLY B 507 -15.01 15.16 -28.47
CA GLY B 507 -13.75 15.03 -29.21
C GLY B 507 -13.73 15.85 -30.48
N GLY B 508 -14.80 15.78 -31.28
CA GLY B 508 -14.86 16.57 -32.49
C GLY B 508 -14.90 18.06 -32.24
N GLN B 509 -15.70 18.47 -31.26
CA GLN B 509 -15.73 19.89 -30.89
C GLN B 509 -14.38 20.34 -30.34
N ARG B 510 -13.71 19.48 -29.57
CA ARG B 510 -12.38 19.83 -29.07
C ARG B 510 -11.39 20.00 -30.21
N GLN B 511 -11.43 19.11 -31.20
CA GLN B 511 -10.54 19.24 -32.34
C GLN B 511 -10.83 20.51 -33.12
N ARG B 512 -12.11 20.83 -33.30
CA ARG B 512 -12.47 22.07 -33.99
C ARG B 512 -11.98 23.29 -33.22
N ILE B 513 -12.11 23.27 -31.90
CA ILE B 513 -11.66 24.39 -31.08
C ILE B 513 -10.14 24.55 -31.17
N ALA B 514 -9.41 23.43 -31.13
CA ALA B 514 -7.96 23.48 -31.27
C ALA B 514 -7.56 24.04 -32.63
N ILE B 515 -8.26 23.60 -33.69
CA ILE B 515 -7.98 24.11 -35.02
C ILE B 515 -8.23 25.62 -35.08
N ALA B 516 -9.30 26.07 -34.44
CA ALA B 516 -9.60 27.50 -34.40
C ALA B 516 -8.50 28.26 -33.68
N ARG B 517 -8.06 27.74 -32.53
CA ARG B 517 -7.01 28.39 -31.75
C ARG B 517 -5.73 28.52 -32.57
N ALA B 518 -5.39 27.45 -33.30
CA ALA B 518 -4.18 27.49 -34.12
C ALA B 518 -4.33 28.48 -35.27
N ILE B 519 -5.44 28.40 -36.01
CA ILE B 519 -5.61 29.19 -37.23
C ILE B 519 -5.69 30.67 -36.92
N LEU B 520 -6.30 31.02 -35.78
CA LEU B 520 -6.48 32.44 -35.45
C LEU B 520 -5.14 33.16 -35.29
N LYS B 521 -4.08 32.42 -34.97
CA LYS B 521 -2.78 33.04 -34.79
C LYS B 521 -2.27 33.62 -36.11
N ASN B 522 -1.91 34.90 -36.07
CA ASN B 522 -1.36 35.58 -37.26
C ASN B 522 0.16 35.53 -37.27
N ALA B 523 0.72 34.33 -37.16
CA ALA B 523 2.17 34.17 -37.20
C ALA B 523 2.69 34.40 -38.62
N PRO B 524 3.89 34.96 -38.75
CA PRO B 524 4.45 35.14 -40.10
C PRO B 524 4.56 33.84 -40.88
N ILE B 525 4.97 32.75 -40.21
CA ILE B 525 5.03 31.45 -40.84
C ILE B 525 4.59 30.39 -39.83
N LEU B 526 3.38 29.88 -39.98
CA LEU B 526 2.87 28.82 -39.11
C LEU B 526 3.05 27.48 -39.82
N ILE B 527 4.29 27.04 -39.89
CA ILE B 527 4.64 25.80 -40.58
C ILE B 527 4.24 24.64 -39.68
N LEU B 528 3.37 23.77 -40.18
CA LEU B 528 2.88 22.62 -39.45
C LEU B 528 3.09 21.35 -40.26
N ASP B 529 3.53 20.28 -39.58
CA ASP B 529 3.65 18.97 -40.21
C ASP B 529 2.32 18.24 -40.05
N GLU B 530 1.44 18.42 -41.03
CA GLU B 530 0.08 17.92 -40.98
C GLU B 530 -0.10 16.67 -41.84
N ALA B 531 0.90 15.78 -41.87
CA ALA B 531 0.78 14.56 -42.66
C ALA B 531 -0.34 13.66 -42.12
N THR B 532 -0.69 13.78 -40.85
CA THR B 532 -1.73 12.98 -40.24
C THR B 532 -3.11 13.59 -40.40
N SER B 533 -3.30 14.48 -41.37
CA SER B 533 -4.60 15.09 -41.58
C SER B 533 -5.62 14.06 -42.07
N ALA B 534 -6.81 14.11 -41.47
CA ALA B 534 -7.89 13.18 -41.82
C ALA B 534 -9.21 13.94 -41.91
N LEU B 535 -10.11 13.40 -42.71
CA LEU B 535 -11.44 13.97 -42.91
C LEU B 535 -12.52 13.24 -42.13
N ASP B 536 -12.15 12.34 -41.22
CA ASP B 536 -13.12 11.58 -40.45
C ASP B 536 -13.79 12.41 -39.36
N ASN B 537 -13.27 13.59 -39.06
CA ASN B 537 -13.86 14.42 -38.01
C ASN B 537 -15.09 15.15 -38.53
N GLU B 538 -15.90 15.65 -37.59
CA GLU B 538 -17.09 16.39 -37.93
C GLU B 538 -16.73 17.74 -38.56
N SER B 539 -17.62 18.24 -39.40
CA SER B 539 -17.41 19.49 -40.13
C SER B 539 -16.11 19.43 -40.94
N GLU B 540 -15.87 18.25 -41.53
CA GLU B 540 -14.63 18.04 -42.27
C GLU B 540 -14.54 18.99 -43.46
N HIS B 541 -15.65 19.17 -44.18
CA HIS B 541 -15.65 20.07 -45.34
C HIS B 541 -15.38 21.52 -44.90
N PHE B 542 -16.09 21.98 -43.88
CA PHE B 542 -15.90 23.36 -43.41
C PHE B 542 -14.50 23.57 -42.86
N ILE B 543 -14.01 22.60 -42.08
CA ILE B 543 -12.66 22.71 -41.52
C ILE B 543 -11.62 22.73 -42.63
N GLN B 544 -11.78 21.87 -43.64
CA GLN B 544 -10.84 21.84 -44.75
C GLN B 544 -10.88 23.15 -45.53
N GLN B 545 -12.07 23.70 -45.75
CA GLN B 545 -12.18 24.98 -46.45
C GLN B 545 -11.50 26.09 -45.67
N ALA B 546 -11.72 26.13 -44.35
CA ALA B 546 -11.08 27.15 -43.52
C ALA B 546 -9.56 27.00 -43.54
N PHE B 547 -9.08 25.75 -43.48
CA PHE B 547 -7.64 25.51 -43.53
C PHE B 547 -7.05 25.95 -44.87
N ASP B 548 -7.74 25.65 -45.97
CA ASP B 548 -7.28 26.07 -47.28
C ASP B 548 -7.25 27.59 -47.40
N GLU B 549 -8.28 28.26 -46.87
CA GLU B 549 -8.30 29.71 -46.91
C GLU B 549 -7.15 30.30 -46.09
N ALA B 550 -6.90 29.73 -44.91
CA ALA B 550 -5.81 30.22 -44.07
C ALA B 550 -4.45 29.90 -44.68
N MET B 551 -4.37 28.88 -45.53
CA MET B 551 -3.10 28.52 -46.15
C MET B 551 -2.59 29.63 -47.06
N GLN B 552 -3.49 30.45 -47.60
CA GLN B 552 -3.09 31.57 -48.43
C GLN B 552 -2.32 32.60 -47.60
N ASP B 553 -1.30 33.20 -48.21
CA ASP B 553 -0.47 34.21 -47.56
C ASP B 553 0.16 33.67 -46.28
N ARG B 554 0.68 32.44 -46.34
CA ARG B 554 1.31 31.82 -45.18
C ARG B 554 2.30 30.77 -45.68
N THR B 555 3.59 31.05 -45.52
CA THR B 555 4.62 30.09 -45.89
C THR B 555 4.66 28.95 -44.89
N THR B 556 4.40 27.72 -45.35
CA THR B 556 4.34 26.58 -44.47
C THR B 556 4.59 25.31 -45.28
N ILE B 557 5.20 24.33 -44.64
CA ILE B 557 5.48 23.03 -45.25
C ILE B 557 4.61 22.01 -44.55
N VAL B 558 3.53 21.60 -45.22
CA VAL B 558 2.56 20.66 -44.67
C VAL B 558 2.26 19.60 -45.70
N ILE B 559 2.17 18.34 -45.25
CA ILE B 559 1.78 17.23 -46.11
C ILE B 559 0.26 17.13 -46.03
N ALA B 560 -0.42 17.88 -46.90
CA ALA B 560 -1.86 17.98 -46.85
C ALA B 560 -2.50 16.67 -47.31
N HIS B 561 -3.75 16.47 -46.88
CA HIS B 561 -4.52 15.29 -47.26
C HIS B 561 -5.60 15.57 -48.29
N ARG B 562 -5.91 16.83 -48.58
CA ARG B 562 -6.91 17.17 -49.58
C ARG B 562 -6.31 17.00 -50.97
N LEU B 563 -7.06 16.33 -51.86
CA LEU B 563 -6.59 16.12 -53.21
C LEU B 563 -6.43 17.43 -53.95
N SER B 564 -7.39 18.34 -53.80
CA SER B 564 -7.28 19.66 -54.43
C SER B 564 -6.09 20.43 -53.88
N THR B 565 -5.89 20.39 -52.56
CA THR B 565 -4.74 21.07 -51.97
C THR B 565 -3.43 20.43 -52.44
N ILE B 566 -3.41 19.11 -52.57
CA ILE B 566 -2.21 18.43 -53.06
C ILE B 566 -1.91 18.85 -54.49
N GLU B 567 -2.94 18.94 -55.33
CA GLU B 567 -2.72 19.35 -56.71
C GLU B 567 -2.44 20.84 -56.85
N ASN B 568 -2.76 21.63 -55.83
CA ASN B 568 -2.56 23.08 -55.86
C ASN B 568 -1.24 23.49 -55.22
N ALA B 569 -0.36 22.55 -54.88
CA ALA B 569 0.90 22.88 -54.26
C ALA B 569 1.84 23.57 -55.25
N ASP B 570 2.78 24.35 -54.71
CA ASP B 570 3.71 25.10 -55.54
C ASP B 570 4.97 24.29 -55.87
N ARG B 571 5.68 23.85 -54.84
CA ARG B 571 6.91 23.08 -55.02
C ARG B 571 6.85 21.84 -54.13
N ILE B 572 7.31 20.72 -54.69
CA ILE B 572 7.29 19.44 -53.98
C ILE B 572 8.65 18.77 -54.12
N VAL B 573 8.99 17.95 -53.13
CA VAL B 573 10.22 17.17 -53.13
C VAL B 573 9.88 15.73 -52.75
N VAL B 574 10.43 14.78 -53.49
CA VAL B 574 10.17 13.36 -53.24
C VAL B 574 11.11 12.89 -52.14
N MET B 575 10.57 12.68 -50.94
CA MET B 575 11.35 12.26 -49.79
C MET B 575 11.21 10.75 -49.64
N ASP B 576 12.34 10.05 -49.53
CA ASP B 576 12.36 8.61 -49.37
C ASP B 576 13.20 8.23 -48.15
N ARG B 577 12.81 7.12 -47.53
CA ARG B 577 13.49 6.60 -46.33
C ARG B 577 13.51 7.63 -45.20
N GLY B 578 12.44 8.41 -45.06
CA GLY B 578 12.35 9.39 -44.00
C GLY B 578 13.19 10.62 -44.18
N GLN B 579 13.76 10.83 -45.36
CA GLN B 579 14.57 12.03 -45.63
C GLN B 579 14.31 12.46 -47.07
N ILE B 580 14.58 13.73 -47.33
CA ILE B 580 14.41 14.27 -48.68
C ILE B 580 15.43 13.61 -49.59
N VAL B 581 14.98 12.72 -50.47
CA VAL B 581 15.84 11.97 -51.35
C VAL B 581 15.82 12.50 -52.78
N GLU B 582 14.66 12.98 -53.23
CA GLU B 582 14.52 13.50 -54.58
C GLU B 582 13.67 14.76 -54.53
N GLN B 583 13.52 15.41 -55.69
CA GLN B 583 12.75 16.63 -55.81
C GLN B 583 12.43 16.84 -57.29
N GLY B 584 11.92 18.02 -57.62
CA GLY B 584 11.59 18.39 -58.98
C GLY B 584 10.26 19.09 -59.02
N THR B 585 9.75 19.27 -60.24
CA THR B 585 8.47 19.93 -60.43
C THR B 585 7.34 19.09 -59.85
N HIS B 586 6.45 19.74 -59.09
CA HIS B 586 5.30 19.04 -58.53
C HIS B 586 4.32 18.59 -59.61
N GLN B 587 4.27 19.29 -60.74
CA GLN B 587 3.35 18.89 -61.80
C GLN B 587 3.71 17.52 -62.36
N GLU B 588 5.00 17.24 -62.53
CA GLU B 588 5.42 15.94 -63.04
C GLU B 588 5.04 14.82 -62.08
N LEU B 589 5.27 15.04 -60.78
CA LEU B 589 4.90 14.03 -59.78
C LEU B 589 3.40 13.82 -59.74
N LEU B 590 2.62 14.91 -59.84
CA LEU B 590 1.17 14.79 -59.83
C LEU B 590 0.67 14.04 -61.05
N ALA B 591 1.25 14.32 -62.21
CA ALA B 591 0.81 13.70 -63.47
C ALA B 591 1.37 12.29 -63.66
N LYS B 592 2.37 11.88 -62.87
CA LYS B 592 2.88 10.52 -62.99
C LYS B 592 1.81 9.49 -62.66
N HIS B 593 1.09 9.69 -61.55
CA HIS B 593 -0.01 8.82 -61.14
C HIS B 593 0.41 7.35 -61.06
N GLY B 594 1.68 7.11 -60.72
CA GLY B 594 2.20 5.76 -60.68
C GLY B 594 2.42 5.22 -59.28
N ALA B 595 3.58 4.60 -59.06
CA ALA B 595 3.89 4.04 -57.75
C ALA B 595 3.98 5.13 -56.69
N TYR B 596 4.59 6.27 -57.03
CA TYR B 596 4.73 7.34 -56.06
C TYR B 596 3.37 7.88 -55.62
N TYR B 597 2.47 8.11 -56.58
CA TYR B 597 1.14 8.61 -56.24
C TYR B 597 0.36 7.60 -55.41
N GLN B 598 0.45 6.31 -55.77
CA GLN B 598 -0.25 5.29 -55.02
C GLN B 598 0.27 5.20 -53.60
N LEU B 599 1.59 5.26 -53.42
CA LEU B 599 2.17 5.21 -52.08
C LEU B 599 1.76 6.44 -51.28
N HIS B 600 1.75 7.61 -51.91
CA HIS B 600 1.38 8.84 -51.20
C HIS B 600 -0.07 8.82 -50.78
N GLN B 601 -0.96 8.32 -51.64
CA GLN B 601 -2.40 8.38 -51.37
C GLN B 601 -2.87 7.22 -50.49
N ARG B 602 -2.69 5.98 -50.97
CA ARG B 602 -3.18 4.82 -50.24
C ARG B 602 -2.35 4.50 -49.01
N ASN B 603 -1.18 5.11 -48.85
CA ASN B 603 -0.27 4.83 -47.73
C ASN B 603 0.06 3.35 -47.64
N PHE B 604 0.30 2.73 -48.80
CA PHE B 604 0.61 1.31 -48.91
C PHE B 604 -0.49 0.44 -48.27
#